data_1CNZ
#
_entry.id   1CNZ
#
_cell.length_a   75.900
_cell.length_b   100.800
_cell.length_c   109.300
_cell.angle_alpha   90.00
_cell.angle_beta   90.00
_cell.angle_gamma   90.00
#
_symmetry.space_group_name_H-M   'P 21 21 21'
#
loop_
_entity.id
_entity.type
_entity.pdbx_description
1 polymer 'PROTEIN (3-ISOPROPYLMALATE DEHYDROGENASE)'
2 non-polymer 'MANGANESE (II) ION'
3 non-polymer 'SULFATE ION'
4 water water
#
_entity_poly.entity_id   1
_entity_poly.type   'polypeptide(L)'
_entity_poly.pdbx_seq_one_letter_code
;MSKNYHIAVLPGDGIGPEVMAQALKVMDAVRSRFDMRITTSHYDVGGIAIDNHGHPLPKATVEGCEQADAILFGSVGGPK
WENLPPESQPERGALLPLRKHFKLFSNLRPAKLYQGLEAFCPLRADIAANGFDILCVRELTGGIYFGQPKGREGSGQYEK
AFDTEVYHRFEIERIARIAFESARKRRRKVTSIDKANVLQSSILWREIVNDVAKTYPDVELAHMYIDNATMQLIKDPSQF
DVLLCSNLFGDILSDECAMITGSMGMLPSASLNEQGFGLYEPAGGSAPDIAGKNIANPIAQILSLALLLRYSLDANDAAT
AIEQAINRALEEGVRTGDLARGAAAVSTDEMGDIIARYVAEGV
;
_entity_poly.pdbx_strand_id   A,B
#
# COMPACT_ATOMS: atom_id res chain seq x y z
N MET A 1 9.10 -20.15 41.57
CA MET A 1 10.59 -20.12 41.52
C MET A 1 11.03 -19.32 40.29
N SER A 2 11.34 -18.04 40.52
CA SER A 2 11.69 -17.10 39.42
C SER A 2 13.12 -16.58 39.51
N LYS A 3 13.48 -15.91 38.42
CA LYS A 3 14.81 -15.38 38.17
C LYS A 3 14.91 -13.88 38.46
N ASN A 4 13.79 -13.33 38.86
CA ASN A 4 13.65 -11.88 39.00
C ASN A 4 14.04 -11.27 37.67
N TYR A 5 13.08 -11.34 36.78
CA TYR A 5 13.21 -10.75 35.46
C TYR A 5 13.08 -9.23 35.64
N HIS A 6 13.60 -8.49 34.68
CA HIS A 6 13.44 -7.04 34.68
C HIS A 6 12.90 -6.57 33.34
N ILE A 7 11.98 -5.61 33.40
CA ILE A 7 11.37 -5.05 32.21
C ILE A 7 11.55 -3.54 32.28
N ALA A 8 12.12 -2.98 31.23
CA ALA A 8 12.10 -1.52 31.06
C ALA A 8 10.73 -1.15 30.47
N VAL A 9 10.03 -0.31 31.18
CA VAL A 9 8.69 0.13 30.77
C VAL A 9 8.76 1.54 30.23
N LEU A 10 8.44 1.65 28.96
CA LEU A 10 8.48 2.93 28.26
C LEU A 10 7.08 3.33 27.74
N PRO A 11 6.25 3.93 28.60
CA PRO A 11 4.87 4.28 28.26
C PRO A 11 4.74 5.22 27.08
N GLY A 12 5.56 6.26 27.05
CA GLY A 12 5.56 7.22 25.93
C GLY A 12 4.42 8.22 26.05
N ASP A 13 3.79 8.49 24.90
CA ASP A 13 2.90 9.63 24.72
C ASP A 13 1.47 9.17 24.45
N GLY A 14 0.53 10.10 24.56
CA GLY A 14 -0.84 9.86 24.12
C GLY A 14 -1.52 8.86 25.02
N ILE A 15 -2.10 7.85 24.40
CA ILE A 15 -2.77 6.79 25.15
C ILE A 15 -1.74 5.79 25.78
N GLY A 16 -0.46 5.96 25.42
CA GLY A 16 0.60 5.10 25.94
C GLY A 16 0.53 4.89 27.44
N PRO A 17 0.63 5.95 28.25
CA PRO A 17 0.52 5.79 29.70
C PRO A 17 -0.76 5.13 30.16
N GLU A 18 -1.88 5.47 29.51
CA GLU A 18 -3.17 4.89 29.94
C GLU A 18 -3.20 3.36 29.75
N VAL A 19 -2.80 2.88 28.57
CA VAL A 19 -2.91 1.45 28.31
C VAL A 19 -1.77 0.69 29.01
N MET A 20 -0.64 1.35 29.22
CA MET A 20 0.49 0.75 29.95
C MET A 20 0.13 0.50 31.41
N ALA A 21 -0.63 1.43 32.00
CA ALA A 21 -1.10 1.27 33.37
C ALA A 21 -1.92 -0.01 33.49
N GLN A 22 -2.71 -0.33 32.47
CA GLN A 22 -3.53 -1.55 32.48
C GLN A 22 -2.69 -2.82 32.37
N ALA A 23 -1.67 -2.77 31.52
CA ALA A 23 -0.78 -3.89 31.35
C ALA A 23 0.01 -4.16 32.65
N LEU A 24 0.40 -3.11 33.38
CA LEU A 24 1.09 -3.29 34.66
C LEU A 24 0.16 -3.86 35.74
N LYS A 25 -1.15 -3.55 35.63
CA LYS A 25 -2.18 -4.22 36.43
C LYS A 25 -2.15 -5.72 36.18
N VAL A 26 -2.16 -6.08 34.92
CA VAL A 26 -2.15 -7.49 34.52
C VAL A 26 -0.82 -8.13 34.95
N MET A 27 0.27 -7.38 34.81
CA MET A 27 1.62 -7.88 35.16
C MET A 27 1.70 -8.21 36.65
N ASP A 28 0.99 -7.43 37.43
CA ASP A 28 0.97 -7.63 38.88
C ASP A 28 0.12 -8.86 39.21
N ALA A 29 -0.90 -9.14 38.38
CA ALA A 29 -1.68 -10.35 38.55
C ALA A 29 -0.89 -11.60 38.16
N VAL A 30 -0.02 -11.46 37.16
CA VAL A 30 0.87 -12.54 36.73
C VAL A 30 1.95 -12.85 37.79
N ARG A 31 2.57 -11.80 38.35
CA ARG A 31 3.51 -11.95 39.44
C ARG A 31 2.88 -12.77 40.57
N SER A 32 1.75 -12.29 41.06
CA SER A 32 1.11 -12.87 42.22
C SER A 32 0.04 -13.86 41.78
N ARG A 33 0.49 -14.84 41.02
CA ARG A 33 -0.32 -15.98 40.56
C ARG A 33 0.63 -17.06 40.07
N PHE A 34 1.50 -16.66 39.17
CA PHE A 34 2.52 -17.55 38.63
C PHE A 34 3.77 -17.41 39.49
N ASP A 35 3.66 -16.60 40.54
CA ASP A 35 4.74 -16.43 41.49
C ASP A 35 6.06 -16.14 40.80
N MET A 36 5.98 -15.25 39.82
CA MET A 36 7.16 -14.79 39.09
C MET A 36 7.71 -13.56 39.80
N ARG A 37 9.01 -13.39 39.67
CA ARG A 37 9.68 -12.20 40.21
C ARG A 37 9.95 -11.29 39.03
N ILE A 38 9.18 -10.21 38.95
CA ILE A 38 9.29 -9.25 37.86
C ILE A 38 9.52 -7.88 38.41
N THR A 39 10.60 -7.26 37.98
CA THR A 39 10.95 -5.94 38.45
C THR A 39 10.97 -5.01 37.25
N THR A 40 10.42 -3.80 37.42
CA THR A 40 10.35 -2.85 36.31
C THR A 40 10.96 -1.50 36.65
N SER A 41 11.33 -0.75 35.63
CA SER A 41 11.68 0.65 35.78
C SER A 41 11.07 1.41 34.62
N HIS A 42 10.55 2.61 34.90
CA HIS A 42 9.96 3.47 33.89
C HIS A 42 10.97 4.45 33.35
N TYR A 43 10.96 4.61 32.03
CA TYR A 43 11.79 5.61 31.39
C TYR A 43 11.02 6.39 30.33
N ASP A 44 11.42 7.64 30.20
CA ASP A 44 10.87 8.54 29.20
C ASP A 44 11.41 8.17 27.82
N VAL A 45 10.53 8.26 26.86
CA VAL A 45 10.86 8.03 25.46
C VAL A 45 9.87 8.82 24.63
N GLY A 46 10.33 9.30 23.51
CA GLY A 46 9.48 10.04 22.57
C GLY A 46 9.28 11.49 22.98
N GLY A 47 8.02 11.90 22.95
CA GLY A 47 7.71 13.31 23.13
C GLY A 47 7.86 13.77 24.56
N ILE A 48 7.51 12.88 25.49
CA ILE A 48 7.72 13.14 26.91
C ILE A 48 9.21 13.32 27.23
N ALA A 49 10.05 12.52 26.57
CA ALA A 49 11.49 12.60 26.75
C ALA A 49 12.04 13.90 26.16
N ILE A 50 11.52 14.27 24.98
CA ILE A 50 11.81 15.55 24.34
C ILE A 50 11.43 16.72 25.25
N ASP A 51 10.28 16.60 25.92
CA ASP A 51 9.85 17.60 26.91
C ASP A 51 10.80 17.70 28.09
N ASN A 52 11.20 16.58 28.66
CA ASN A 52 11.99 16.61 29.89
C ASN A 52 13.50 16.63 29.64
N HIS A 53 13.91 16.18 28.47
CA HIS A 53 15.35 15.99 28.21
C HIS A 53 15.87 16.58 26.90
N GLY A 54 15.00 17.00 26.03
CA GLY A 54 15.42 17.64 24.77
C GLY A 54 15.73 16.64 23.67
N HIS A 55 15.60 15.35 23.98
CA HIS A 55 15.89 14.29 23.04
C HIS A 55 14.84 13.20 23.21
N PRO A 56 14.40 12.57 22.11
CA PRO A 56 13.42 11.48 22.19
C PRO A 56 13.94 10.14 22.70
N LEU A 57 15.27 9.90 22.62
CA LEU A 57 15.82 8.65 23.16
C LEU A 57 16.99 9.01 24.07
N PRO A 58 16.71 9.28 25.36
CA PRO A 58 17.78 9.57 26.32
C PRO A 58 18.71 8.38 26.51
N LYS A 59 20.01 8.66 26.63
CA LYS A 59 21.02 7.64 26.93
C LYS A 59 20.64 6.82 28.15
N ALA A 60 20.04 7.48 29.14
CA ALA A 60 19.63 6.81 30.37
C ALA A 60 18.50 5.81 30.10
N THR A 61 17.65 6.13 29.14
CA THR A 61 16.60 5.21 28.70
C THR A 61 17.17 3.97 27.96
N VAL A 62 18.06 4.21 26.99
CA VAL A 62 18.77 3.12 26.29
C VAL A 62 19.51 2.23 27.28
N GLU A 63 20.14 2.85 28.27
CA GLU A 63 20.86 2.11 29.32
C GLU A 63 19.89 1.29 30.16
N GLY A 64 18.74 1.89 30.51
CA GLY A 64 17.71 1.14 31.21
C GLY A 64 17.22 -0.08 30.45
N CYS A 65 17.04 0.06 29.14
CA CYS A 65 16.63 -1.06 28.27
C CYS A 65 17.72 -2.13 28.22
N GLU A 66 18.97 -1.68 28.14
CA GLU A 66 20.14 -2.55 28.16
C GLU A 66 20.16 -3.46 29.40
N GLN A 67 19.74 -2.90 30.54
CA GLN A 67 19.74 -3.62 31.80
C GLN A 67 18.54 -4.53 31.99
N ALA A 68 17.70 -4.66 30.96
CA ALA A 68 16.45 -5.38 31.11
C ALA A 68 16.47 -6.66 30.25
N ASP A 69 15.50 -7.53 30.52
CA ASP A 69 15.24 -8.75 29.75
C ASP A 69 14.31 -8.52 28.52
N ALA A 70 13.61 -7.39 28.54
CA ALA A 70 12.73 -7.01 27.42
C ALA A 70 12.18 -5.61 27.70
N ILE A 71 11.68 -4.97 26.66
CA ILE A 71 11.12 -3.62 26.73
C ILE A 71 9.63 -3.73 26.48
N LEU A 72 8.83 -3.27 27.46
CA LEU A 72 7.40 -3.07 27.26
C LEU A 72 7.16 -1.61 26.97
N PHE A 73 6.70 -1.36 25.76
CA PHE A 73 6.70 -0.04 25.13
C PHE A 73 5.23 0.31 24.80
N GLY A 74 4.89 1.57 25.02
CA GLY A 74 3.53 2.06 24.73
C GLY A 74 3.47 2.56 23.30
N SER A 75 3.46 3.86 23.18
CA SER A 75 3.47 4.53 21.88
C SER A 75 4.15 5.89 22.04
N VAL A 76 4.69 6.43 20.96
CA VAL A 76 5.32 7.73 21.02
C VAL A 76 4.82 8.60 19.88
N GLY A 77 4.60 9.86 20.20
CA GLY A 77 4.45 10.88 19.18
C GLY A 77 3.21 11.71 19.41
N GLY A 78 3.11 12.80 18.67
CA GLY A 78 1.93 13.65 18.77
C GLY A 78 2.15 14.97 18.07
N PRO A 79 1.08 15.79 17.97
CA PRO A 79 1.11 17.02 17.16
C PRO A 79 2.05 18.05 17.78
N LYS A 80 2.24 17.93 19.09
CA LYS A 80 3.12 18.79 19.87
C LYS A 80 4.61 18.65 19.52
N TRP A 81 4.93 17.68 18.65
CA TRP A 81 6.31 17.52 18.20
C TRP A 81 6.36 17.26 16.69
N GLU A 82 5.19 17.19 16.08
CA GLU A 82 5.08 17.05 14.62
C GLU A 82 5.36 18.42 14.02
N ASN A 83 6.62 18.79 14.18
CA ASN A 83 7.12 20.11 13.76
C ASN A 83 8.65 20.13 13.79
N LEU A 84 9.19 19.07 14.39
CA LEU A 84 10.64 18.91 14.60
C LEU A 84 11.34 18.23 13.42
N PRO A 85 12.67 18.42 13.30
CA PRO A 85 13.44 17.75 12.26
C PRO A 85 13.24 16.25 12.45
N PRO A 86 13.23 15.46 11.37
CA PRO A 86 12.98 14.01 11.46
C PRO A 86 13.90 13.36 12.45
N GLU A 87 15.15 13.75 12.43
CA GLU A 87 16.15 13.21 13.35
C GLU A 87 15.76 13.55 14.80
N SER A 88 14.90 14.56 14.95
CA SER A 88 14.50 15.05 16.28
C SER A 88 13.04 14.70 16.65
N GLN A 89 12.35 14.01 15.75
CA GLN A 89 10.92 13.63 15.94
C GLN A 89 10.82 12.35 16.81
N PRO A 90 9.79 12.27 17.70
CA PRO A 90 9.70 11.21 18.71
C PRO A 90 9.56 9.82 18.17
N GLU A 91 8.86 9.71 17.06
CA GLU A 91 8.58 8.39 16.46
C GLU A 91 9.83 7.76 15.82
N ARG A 92 10.58 8.55 15.08
CA ARG A 92 11.74 8.05 14.32
C ARG A 92 13.04 8.11 15.12
N GLY A 93 13.22 9.18 15.90
CA GLY A 93 14.42 9.34 16.69
C GLY A 93 14.50 8.38 17.87
N ALA A 94 13.39 7.70 18.14
CA ALA A 94 13.34 6.72 19.21
C ALA A 94 13.33 5.27 18.66
N LEU A 95 12.47 5.00 17.68
CA LEU A 95 12.17 3.62 17.34
C LEU A 95 13.22 2.98 16.47
N LEU A 96 13.63 3.69 15.43
CA LEU A 96 14.65 3.23 14.51
C LEU A 96 15.95 2.94 15.24
N PRO A 97 16.42 3.87 16.11
CA PRO A 97 17.61 3.63 16.93
C PRO A 97 17.45 2.51 17.96
N LEU A 98 16.27 2.34 18.54
CA LEU A 98 16.08 1.19 19.42
C LEU A 98 16.20 -0.14 18.67
N ARG A 99 15.59 -0.20 17.49
CA ARG A 99 15.67 -1.40 16.67
C ARG A 99 17.10 -1.73 16.26
N LYS A 100 17.82 -0.73 15.75
CA LYS A 100 19.20 -0.95 15.35
C LYS A 100 20.06 -1.34 16.54
N HIS A 101 19.92 -0.59 17.63
CA HIS A 101 20.80 -0.76 18.78
C HIS A 101 20.66 -2.14 19.40
N PHE A 102 19.43 -2.63 19.52
CA PHE A 102 19.20 -3.95 20.07
C PHE A 102 19.09 -5.03 19.02
N LYS A 103 19.41 -4.69 17.78
CA LYS A 103 19.43 -5.66 16.66
C LYS A 103 18.14 -6.46 16.55
N LEU A 104 17.00 -5.77 16.66
CA LEU A 104 15.69 -6.39 16.65
C LEU A 104 15.28 -6.64 15.19
N PHE A 105 15.90 -7.61 14.52
CA PHE A 105 15.68 -7.78 13.09
C PHE A 105 14.28 -8.34 12.77
N SER A 106 13.63 -8.91 13.77
CA SER A 106 12.45 -9.71 13.53
C SER A 106 11.22 -9.00 14.10
N ASN A 107 10.28 -8.64 13.23
CA ASN A 107 9.04 -8.01 13.69
C ASN A 107 7.84 -8.89 13.38
N LEU A 108 7.10 -9.19 14.42
CA LEU A 108 5.96 -10.10 14.34
C LEU A 108 4.68 -9.36 14.69
N ARG A 109 3.77 -9.27 13.73
CA ARG A 109 2.48 -8.63 13.97
C ARG A 109 1.29 -9.48 13.52
N PRO A 110 0.64 -10.17 14.48
CA PRO A 110 -0.52 -11.01 14.22
C PRO A 110 -1.79 -10.16 14.07
N ALA A 111 -2.45 -10.34 12.93
CA ALA A 111 -3.69 -9.64 12.64
C ALA A 111 -4.78 -10.63 12.28
N LYS A 112 -5.76 -10.77 13.15
CA LYS A 112 -6.93 -11.55 12.81
C LYS A 112 -8.20 -10.77 13.07
N LEU A 113 -9.23 -11.11 12.31
CA LEU A 113 -10.57 -10.61 12.59
C LEU A 113 -11.20 -11.49 13.64
N TYR A 114 -11.47 -10.94 14.81
CA TYR A 114 -12.16 -11.68 15.85
C TYR A 114 -13.61 -11.94 15.50
N GLN A 115 -14.00 -13.20 15.59
CA GLN A 115 -15.38 -13.65 15.41
C GLN A 115 -16.34 -12.77 16.21
N GLY A 116 -17.27 -12.16 15.50
CA GLY A 116 -18.31 -11.34 16.14
C GLY A 116 -17.96 -9.84 16.12
N LEU A 117 -16.78 -9.50 15.64
CA LEU A 117 -16.35 -8.08 15.50
C LEU A 117 -16.30 -7.72 14.01
N GLU A 118 -17.02 -8.49 13.22
CA GLU A 118 -17.07 -8.30 11.75
C GLU A 118 -17.62 -6.91 11.38
N ALA A 119 -18.49 -6.40 12.23
CA ALA A 119 -19.14 -5.09 11.99
C ALA A 119 -18.10 -3.97 11.84
N PHE A 120 -16.98 -4.13 12.55
CA PHE A 120 -15.93 -3.12 12.57
C PHE A 120 -14.89 -3.30 11.48
N CYS A 121 -14.80 -4.49 10.90
CA CYS A 121 -14.00 -4.71 9.70
C CYS A 121 -14.48 -3.75 8.62
N PRO A 122 -13.56 -2.98 8.00
CA PRO A 122 -13.89 -2.01 6.95
C PRO A 122 -14.12 -2.64 5.58
N LEU A 123 -14.00 -3.97 5.49
CA LEU A 123 -14.24 -4.68 4.23
C LEU A 123 -15.71 -5.13 4.14
N ARG A 124 -16.13 -5.45 2.93
CA ARG A 124 -17.52 -5.80 2.67
C ARG A 124 -17.93 -6.98 3.55
N ALA A 125 -19.18 -6.97 3.99
CA ALA A 125 -19.64 -7.93 4.99
C ALA A 125 -19.41 -9.38 4.59
N ASP A 126 -19.50 -9.67 3.31
CA ASP A 126 -19.31 -11.06 2.87
C ASP A 126 -17.83 -11.45 2.97
N ILE A 127 -16.95 -10.48 2.73
CA ILE A 127 -15.51 -10.72 2.85
C ILE A 127 -15.16 -10.90 4.33
N ALA A 128 -15.76 -10.04 5.14
CA ALA A 128 -15.58 -10.05 6.61
C ALA A 128 -16.05 -11.38 7.20
N ALA A 129 -17.18 -11.89 6.72
CA ALA A 129 -17.75 -13.13 7.28
C ALA A 129 -16.88 -14.36 6.94
N ASN A 130 -16.16 -14.27 5.82
CA ASN A 130 -15.15 -15.26 5.44
C ASN A 130 -14.01 -15.33 6.44
N GLY A 131 -13.65 -14.19 7.00
CA GLY A 131 -12.66 -14.17 8.06
C GLY A 131 -11.26 -14.17 7.50
N PHE A 132 -10.33 -13.78 8.34
CA PHE A 132 -8.91 -13.89 8.02
C PHE A 132 -8.11 -13.95 9.30
N ASP A 133 -6.91 -14.51 9.18
CA ASP A 133 -6.01 -14.68 10.30
C ASP A 133 -4.61 -14.73 9.73
N ILE A 134 -3.84 -13.69 9.99
CA ILE A 134 -2.58 -13.45 9.30
C ILE A 134 -1.50 -13.12 10.33
N LEU A 135 -0.28 -13.61 10.08
CA LEU A 135 0.89 -13.12 10.82
C LEU A 135 1.81 -12.47 9.84
N CYS A 136 2.05 -11.17 10.02
CA CYS A 136 2.98 -10.47 9.15
C CYS A 136 4.36 -10.44 9.81
N VAL A 137 5.32 -11.04 9.11
CA VAL A 137 6.69 -11.12 9.57
C VAL A 137 7.50 -10.09 8.79
N ARG A 138 7.93 -9.05 9.48
CA ARG A 138 8.65 -7.95 8.85
C ARG A 138 10.14 -7.94 9.26
N GLU A 139 11.01 -7.83 8.26
CA GLU A 139 12.44 -7.61 8.48
C GLU A 139 12.59 -6.16 8.98
N LEU A 140 13.24 -5.99 10.10
CA LEU A 140 13.24 -4.69 10.80
C LEU A 140 14.56 -3.89 10.81
N THR A 141 15.70 -4.51 10.56
CA THR A 141 16.96 -3.75 10.71
C THR A 141 17.77 -3.54 9.45
N GLY A 142 17.25 -3.91 8.28
CA GLY A 142 18.03 -3.72 7.06
C GLY A 142 17.23 -3.05 5.96
N GLY A 143 17.63 -3.28 4.72
CA GLY A 143 17.01 -2.61 3.58
C GLY A 143 17.13 -1.10 3.60
N ILE A 144 16.18 -0.45 2.95
CA ILE A 144 16.25 0.97 2.59
C ILE A 144 16.20 1.90 3.82
N TYR A 145 15.62 1.44 4.93
CA TYR A 145 15.57 2.23 6.17
C TYR A 145 16.97 2.52 6.69
N PHE A 146 17.90 1.60 6.46
CA PHE A 146 19.23 1.64 7.05
C PHE A 146 20.37 1.59 6.03
N GLY A 147 20.05 1.30 4.77
CA GLY A 147 21.07 1.11 3.76
C GLY A 147 21.90 2.34 3.45
N GLN A 148 23.14 2.10 3.05
CA GLN A 148 24.06 3.16 2.68
C GLN A 148 24.39 2.86 1.24
N PRO A 149 24.67 3.89 0.42
CA PRO A 149 24.58 5.31 0.76
C PRO A 149 23.15 5.84 0.87
N LYS A 150 23.02 6.95 1.58
CA LYS A 150 21.73 7.49 2.00
C LYS A 150 22.02 8.97 2.30
N GLY A 151 21.37 9.88 1.57
CA GLY A 151 21.65 11.28 1.79
C GLY A 151 21.12 12.17 0.68
N ARG A 152 21.75 13.34 0.57
CA ARG A 152 21.43 14.31 -0.45
C ARG A 152 22.74 14.83 -1.05
N GLU A 153 22.68 15.25 -2.31
CA GLU A 153 23.84 15.85 -2.94
C GLU A 153 23.44 16.88 -4.02
N GLY A 154 24.30 17.87 -4.19
CA GLY A 154 24.19 18.85 -5.29
C GLY A 154 23.21 20.00 -5.05
N SER A 155 22.89 20.64 -6.16
CA SER A 155 22.02 21.81 -6.21
C SER A 155 21.41 21.96 -7.61
N GLY A 156 20.47 22.88 -7.80
CA GLY A 156 19.92 23.09 -9.14
C GLY A 156 19.04 21.91 -9.56
N GLN A 157 18.85 21.77 -10.86
CA GLN A 157 17.88 20.82 -11.40
C GLN A 157 18.35 19.36 -11.19
N TYR A 158 19.65 19.17 -10.98
CA TYR A 158 20.21 17.85 -10.71
C TYR A 158 20.56 17.58 -9.23
N GLU A 159 20.19 18.49 -8.34
CA GLU A 159 20.10 18.17 -6.93
C GLU A 159 19.32 16.87 -6.72
N LYS A 160 19.80 16.01 -5.83
CA LYS A 160 19.23 14.67 -5.68
C LYS A 160 19.29 14.20 -4.23
N ALA A 161 18.37 13.31 -3.86
CA ALA A 161 18.49 12.60 -2.60
C ALA A 161 18.18 11.13 -2.88
N PHE A 162 18.72 10.26 -2.02
CA PHE A 162 18.82 8.83 -2.36
C PHE A 162 18.86 7.97 -1.10
N ASP A 163 18.22 6.80 -1.19
CA ASP A 163 18.31 5.75 -0.15
C ASP A 163 18.51 4.40 -0.88
N THR A 164 19.12 3.44 -0.18
CA THR A 164 19.56 2.20 -0.81
C THR A 164 18.89 0.99 -0.19
N GLU A 165 18.01 0.38 -0.96
CA GLU A 165 17.39 -0.89 -0.59
C GLU A 165 18.41 -2.02 -0.87
N VAL A 166 19.23 -2.30 0.14
CA VAL A 166 20.28 -3.30 0.04
C VAL A 166 20.02 -4.37 1.08
N TYR A 167 20.14 -5.63 0.68
CA TYR A 167 20.05 -6.72 1.64
C TYR A 167 21.24 -7.62 1.39
N HIS A 168 21.81 -8.12 2.48
CA HIS A 168 22.83 -9.17 2.47
C HIS A 168 22.12 -10.51 2.63
N ARG A 169 22.74 -11.56 2.12
CA ARG A 169 22.22 -12.92 2.26
C ARG A 169 21.76 -13.27 3.70
N PHE A 170 22.58 -12.97 4.70
CA PHE A 170 22.32 -13.39 6.08
C PHE A 170 21.06 -12.74 6.65
N GLU A 171 20.80 -11.53 6.20
CA GLU A 171 19.61 -10.80 6.62
C GLU A 171 18.33 -11.44 6.11
N ILE A 172 18.34 -11.94 4.89
CA ILE A 172 17.18 -12.61 4.31
C ILE A 172 17.07 -14.02 4.89
N GLU A 173 18.20 -14.70 5.06
CA GLU A 173 18.21 -16.05 5.65
C GLU A 173 17.49 -16.06 7.01
N ARG A 174 17.86 -15.13 7.88
CA ARG A 174 17.36 -15.20 9.25
C ARG A 174 15.86 -14.78 9.34
N ILE A 175 15.43 -13.82 8.54
CA ILE A 175 14.02 -13.41 8.64
C ILE A 175 13.14 -14.46 7.95
N ALA A 176 13.68 -15.10 6.92
CA ALA A 176 12.95 -16.14 6.18
C ALA A 176 12.67 -17.33 7.11
N ARG A 177 13.65 -17.65 7.95
CA ARG A 177 13.51 -18.77 8.90
C ARG A 177 12.36 -18.50 9.87
N ILE A 178 12.31 -17.29 10.43
CA ILE A 178 11.24 -16.90 11.35
C ILE A 178 9.87 -17.14 10.72
N ALA A 179 9.71 -16.68 9.49
CA ALA A 179 8.47 -16.87 8.72
C ALA A 179 8.09 -18.36 8.61
N PHE A 180 9.03 -19.20 8.16
CA PHE A 180 8.73 -20.62 7.99
C PHE A 180 8.45 -21.35 9.29
N GLU A 181 9.22 -21.04 10.35
CA GLU A 181 8.97 -21.59 11.67
C GLU A 181 7.60 -21.15 12.18
N SER A 182 7.24 -19.90 11.94
CA SER A 182 5.93 -19.41 12.40
C SER A 182 4.81 -20.12 11.65
N ALA A 183 5.02 -20.33 10.35
CA ALA A 183 4.05 -21.01 9.52
C ALA A 183 3.74 -22.43 10.03
N ARG A 184 4.78 -23.14 10.50
CA ARG A 184 4.61 -24.50 11.03
C ARG A 184 3.68 -24.53 12.22
N LYS A 185 3.66 -23.42 12.96
CA LYS A 185 2.82 -23.32 14.16
C LYS A 185 1.42 -22.85 13.84
N ARG A 186 1.18 -22.50 12.56
CA ARG A 186 -0.09 -21.91 12.13
C ARG A 186 -0.73 -22.80 11.07
N ARG A 187 -0.84 -22.34 9.82
CA ARG A 187 -1.45 -23.15 8.78
C ARG A 187 -0.48 -23.53 7.65
N ARG A 188 0.82 -23.52 7.97
CA ARG A 188 1.85 -23.92 7.03
C ARG A 188 1.72 -23.31 5.63
N LYS A 189 1.66 -21.98 5.59
CA LYS A 189 1.65 -21.27 4.34
C LYS A 189 2.40 -19.95 4.51
N VAL A 190 3.38 -19.71 3.66
CA VAL A 190 4.15 -18.48 3.63
C VAL A 190 3.94 -17.82 2.28
N THR A 191 3.68 -16.51 2.29
CA THR A 191 3.65 -15.72 1.05
C THR A 191 4.68 -14.63 1.18
N SER A 192 5.76 -14.79 0.44
CA SER A 192 6.85 -13.84 0.48
C SER A 192 6.58 -12.67 -0.47
N ILE A 193 6.72 -11.46 0.06
CA ILE A 193 6.43 -10.24 -0.70
C ILE A 193 7.69 -9.57 -1.20
N ASP A 194 7.74 -9.39 -2.52
CA ASP A 194 8.87 -8.73 -3.15
C ASP A 194 8.40 -7.90 -4.35
N LYS A 195 9.36 -7.36 -5.08
CA LYS A 195 9.10 -6.74 -6.38
C LYS A 195 10.16 -7.28 -7.36
N ALA A 196 10.18 -8.61 -7.50
CA ALA A 196 11.27 -9.30 -8.21
C ALA A 196 11.28 -9.12 -9.74
N ASN A 197 10.22 -8.55 -10.30
CA ASN A 197 10.25 -8.22 -11.71
C ASN A 197 11.25 -7.12 -12.09
N VAL A 198 11.75 -6.35 -11.11
CA VAL A 198 12.62 -5.20 -11.39
C VAL A 198 13.73 -4.99 -10.36
N LEU A 199 13.46 -5.27 -9.09
CA LEU A 199 14.43 -4.99 -8.04
C LEU A 199 15.46 -6.12 -7.91
N GLN A 200 16.72 -5.78 -8.10
CA GLN A 200 17.82 -6.71 -7.84
C GLN A 200 17.80 -7.30 -6.41
N SER A 201 17.56 -6.46 -5.43
CA SER A 201 17.40 -6.90 -4.04
C SER A 201 16.19 -7.86 -3.83
N SER A 202 15.11 -7.68 -4.59
CA SER A 202 13.99 -8.63 -4.55
C SER A 202 14.33 -9.98 -5.20
N ILE A 203 15.15 -9.95 -6.25
CA ILE A 203 15.54 -11.17 -6.93
C ILE A 203 16.39 -12.04 -6.00
N LEU A 204 17.29 -11.40 -5.26
CA LEU A 204 18.06 -12.09 -4.22
C LEU A 204 17.14 -12.55 -3.08
N TRP A 205 16.21 -11.68 -2.67
CA TRP A 205 15.26 -12.03 -1.61
C TRP A 205 14.53 -13.34 -1.98
N ARG A 206 13.97 -13.38 -3.17
CA ARG A 206 13.17 -14.51 -3.66
C ARG A 206 14.03 -15.79 -3.72
N GLU A 207 15.25 -15.62 -4.19
CA GLU A 207 16.20 -16.70 -4.30
C GLU A 207 16.55 -17.32 -2.96
N ILE A 208 16.78 -16.49 -1.95
CA ILE A 208 17.15 -16.98 -0.63
C ILE A 208 15.96 -17.54 0.10
N VAL A 209 14.77 -16.99 -0.14
CA VAL A 209 13.57 -17.57 0.44
C VAL A 209 13.27 -18.94 -0.19
N ASN A 210 13.52 -19.09 -1.48
CA ASN A 210 13.38 -20.38 -2.14
C ASN A 210 14.37 -21.42 -1.55
N ASP A 211 15.59 -20.97 -1.27
CA ASP A 211 16.60 -21.82 -0.65
C ASP A 211 16.22 -22.27 0.77
N VAL A 212 15.76 -21.34 1.61
CA VAL A 212 15.28 -21.70 2.93
C VAL A 212 14.08 -22.67 2.84
N ALA A 213 13.26 -22.50 1.80
CA ALA A 213 12.01 -23.26 1.69
C ALA A 213 12.30 -24.75 1.61
N LYS A 214 13.48 -25.09 1.11
CA LYS A 214 13.89 -26.49 0.97
C LYS A 214 13.97 -27.24 2.31
N THR A 215 14.15 -26.50 3.40
CA THR A 215 14.11 -27.03 4.75
C THR A 215 12.67 -27.28 5.21
N TYR A 216 11.70 -26.70 4.50
CA TYR A 216 10.31 -26.75 4.95
C TYR A 216 9.37 -27.28 3.85
N PRO A 217 9.58 -28.53 3.42
CA PRO A 217 8.75 -29.10 2.36
C PRO A 217 7.28 -29.28 2.74
N ASP A 218 6.92 -29.10 4.02
CA ASP A 218 5.54 -29.17 4.50
C ASP A 218 4.79 -27.83 4.40
N VAL A 219 5.52 -26.76 4.08
CA VAL A 219 4.98 -25.40 4.06
C VAL A 219 4.75 -24.97 2.61
N GLU A 220 3.51 -24.56 2.32
CA GLU A 220 3.23 -24.02 1.01
C GLU A 220 3.82 -22.62 0.85
N LEU A 221 4.69 -22.44 -0.13
CA LEU A 221 5.36 -21.14 -0.34
C LEU A 221 4.81 -20.49 -1.60
N ALA A 222 4.41 -19.22 -1.50
CA ALA A 222 4.03 -18.42 -2.65
C ALA A 222 4.85 -17.14 -2.63
N HIS A 223 5.10 -16.56 -3.81
CA HIS A 223 5.72 -15.25 -3.90
C HIS A 223 4.71 -14.29 -4.55
N MET A 224 4.62 -13.06 -4.03
CA MET A 224 3.64 -12.10 -4.56
C MET A 224 4.23 -10.70 -4.54
N TYR A 225 4.00 -9.95 -5.60
CA TYR A 225 4.46 -8.56 -5.68
C TYR A 225 3.71 -7.69 -4.69
N ILE A 226 4.43 -6.69 -4.12
CA ILE A 226 3.86 -5.74 -3.19
C ILE A 226 2.56 -5.09 -3.73
N ASP A 227 2.53 -4.74 -5.02
CA ASP A 227 1.36 -4.06 -5.57
C ASP A 227 0.15 -4.97 -5.68
N ASN A 228 0.41 -6.26 -5.89
CA ASN A 228 -0.66 -7.26 -5.85
C ASN A 228 -1.13 -7.58 -4.46
N ALA A 229 -0.18 -7.61 -3.50
CA ALA A 229 -0.50 -7.89 -2.10
C ALA A 229 -1.43 -6.85 -1.49
N THR A 230 -1.18 -5.58 -1.83
CA THR A 230 -2.00 -4.46 -1.37
C THR A 230 -3.46 -4.58 -1.80
N MET A 231 -3.67 -5.07 -3.02
CA MET A 231 -5.01 -5.36 -3.54
C MET A 231 -5.67 -6.59 -2.91
N GLN A 232 -4.91 -7.68 -2.81
CA GLN A 232 -5.39 -8.95 -2.28
C GLN A 232 -5.78 -8.96 -0.80
N LEU A 233 -5.15 -8.11 0.02
CA LEU A 233 -5.54 -8.01 1.41
C LEU A 233 -6.93 -7.38 1.52
N ILE A 234 -7.31 -6.62 0.50
CA ILE A 234 -8.68 -6.09 0.41
C ILE A 234 -9.63 -7.12 -0.24
N LYS A 235 -9.21 -7.70 -1.36
CA LYS A 235 -10.06 -8.58 -2.14
C LYS A 235 -10.37 -9.89 -1.42
N ASP A 236 -9.37 -10.44 -0.74
CA ASP A 236 -9.51 -11.77 -0.12
C ASP A 236 -8.40 -12.04 0.87
N PRO A 237 -8.51 -11.48 2.08
CA PRO A 237 -7.48 -11.66 3.10
C PRO A 237 -7.40 -13.09 3.65
N SER A 238 -8.42 -13.90 3.37
CA SER A 238 -8.43 -15.29 3.85
C SER A 238 -7.37 -16.14 3.20
N GLN A 239 -6.79 -15.68 2.10
CA GLN A 239 -5.78 -16.46 1.40
C GLN A 239 -4.38 -16.46 2.07
N PHE A 240 -4.16 -15.58 3.03
CA PHE A 240 -2.86 -15.47 3.68
C PHE A 240 -2.84 -16.07 5.06
N ASP A 241 -1.71 -16.67 5.33
CA ASP A 241 -1.37 -17.20 6.64
C ASP A 241 -0.22 -16.32 7.14
N VAL A 242 1.00 -16.67 6.74
CA VAL A 242 2.19 -15.88 7.10
C VAL A 242 2.66 -15.04 5.91
N LEU A 243 2.78 -13.72 6.12
CA LEU A 243 3.35 -12.79 5.15
C LEU A 243 4.81 -12.54 5.52
N LEU A 244 5.69 -12.76 4.57
CA LEU A 244 7.10 -12.49 4.79
C LEU A 244 7.54 -11.27 3.97
N CYS A 245 7.98 -10.24 4.66
CA CYS A 245 8.22 -8.94 4.02
C CYS A 245 9.57 -8.34 4.37
N SER A 246 10.07 -7.54 3.42
CA SER A 246 11.15 -6.59 3.64
C SER A 246 10.72 -5.52 4.67
N ASN A 247 11.69 -4.70 5.05
CA ASN A 247 11.49 -3.63 6.04
C ASN A 247 10.37 -2.68 5.57
N LEU A 248 10.57 -2.14 4.38
CA LEU A 248 9.62 -1.17 3.80
C LEU A 248 8.31 -1.84 3.37
N PHE A 249 8.38 -2.98 2.68
CA PHE A 249 7.15 -3.66 2.26
C PHE A 249 6.32 -4.13 3.45
N GLY A 250 7.01 -4.58 4.50
CA GLY A 250 6.36 -4.96 5.73
C GLY A 250 5.71 -3.80 6.46
N ASP A 251 6.33 -2.62 6.38
CA ASP A 251 5.80 -1.44 7.04
C ASP A 251 4.41 -1.13 6.47
N ILE A 252 4.32 -1.18 5.14
CA ILE A 252 3.08 -0.96 4.40
C ILE A 252 2.02 -2.04 4.65
N LEU A 253 2.34 -3.30 4.36
CA LEU A 253 1.37 -4.37 4.46
C LEU A 253 0.96 -4.73 5.89
N SER A 254 1.83 -4.50 6.86
CA SER A 254 1.49 -4.84 8.23
C SER A 254 0.45 -3.87 8.75
N ASP A 255 0.58 -2.62 8.34
CA ASP A 255 -0.42 -1.62 8.70
C ASP A 255 -1.71 -1.82 7.92
N GLU A 256 -1.61 -2.28 6.68
CA GLU A 256 -2.80 -2.69 5.92
C GLU A 256 -3.53 -3.84 6.64
N CYS A 257 -2.79 -4.81 7.12
CA CYS A 257 -3.39 -5.96 7.87
C CYS A 257 -4.08 -5.45 9.12
N ALA A 258 -3.47 -4.50 9.80
CA ALA A 258 -4.07 -3.93 11.00
C ALA A 258 -5.41 -3.25 10.69
N MET A 259 -5.41 -2.43 9.64
CA MET A 259 -6.61 -1.69 9.20
C MET A 259 -7.74 -2.64 8.87
N ILE A 260 -7.49 -3.70 8.11
CA ILE A 260 -8.58 -4.58 7.70
C ILE A 260 -9.20 -5.41 8.82
N THR A 261 -8.56 -5.50 9.98
CA THR A 261 -9.22 -6.14 11.11
C THR A 261 -10.37 -5.28 11.61
N GLY A 262 -10.23 -3.96 11.46
CA GLY A 262 -11.17 -3.04 12.09
C GLY A 262 -11.06 -2.95 13.60
N SER A 263 -9.99 -3.50 14.17
CA SER A 263 -9.84 -3.57 15.62
C SER A 263 -8.36 -3.44 16.03
N MET A 264 -7.71 -2.40 15.54
CA MET A 264 -6.30 -2.20 15.83
C MET A 264 -5.98 -2.11 17.33
N GLY A 265 -6.98 -1.75 18.13
CA GLY A 265 -6.82 -1.69 19.57
C GLY A 265 -6.65 -3.04 20.25
N MET A 266 -6.77 -4.12 19.47
CA MET A 266 -6.52 -5.46 19.96
C MET A 266 -5.22 -6.06 19.45
N LEU A 267 -4.47 -5.32 18.66
CA LEU A 267 -3.34 -5.88 17.93
C LEU A 267 -2.00 -5.59 18.59
N PRO A 268 -1.23 -6.66 18.91
CA PRO A 268 0.10 -6.49 19.50
C PRO A 268 1.23 -6.58 18.47
N SER A 269 2.43 -6.18 18.92
CA SER A 269 3.63 -6.20 18.08
C SER A 269 4.84 -6.70 18.92
N ALA A 270 5.65 -7.56 18.34
CA ALA A 270 6.90 -7.99 18.98
C ALA A 270 8.05 -7.78 18.02
N SER A 271 9.13 -7.17 18.51
CA SER A 271 10.34 -7.00 17.72
C SER A 271 11.50 -7.68 18.46
N LEU A 272 12.13 -8.65 17.82
CA LEU A 272 12.99 -9.62 18.51
C LEU A 272 14.40 -9.70 17.90
N ASN A 273 15.41 -9.85 18.76
CA ASN A 273 16.76 -10.17 18.26
C ASN A 273 17.01 -11.66 18.34
N GLU A 274 18.21 -12.07 17.91
CA GLU A 274 18.60 -13.48 17.91
C GLU A 274 18.68 -14.07 19.34
N GLN A 275 18.88 -13.21 20.36
CA GLN A 275 19.07 -13.67 21.74
C GLN A 275 17.72 -13.75 22.46
N GLY A 276 16.60 -13.38 21.88
CA GLY A 276 15.32 -13.51 22.57
C GLY A 276 14.90 -12.31 23.42
N PHE A 277 15.72 -11.26 23.39
CA PHE A 277 15.36 -9.97 23.97
C PHE A 277 14.40 -9.30 22.99
N GLY A 278 13.34 -8.69 23.49
CA GLY A 278 12.42 -8.04 22.58
C GLY A 278 11.86 -6.71 23.01
N LEU A 279 11.26 -6.00 22.06
CA LEU A 279 10.48 -4.81 22.34
C LEU A 279 9.03 -5.14 21.92
N TYR A 280 8.13 -4.98 22.86
CA TYR A 280 6.76 -5.41 22.73
C TYR A 280 5.85 -4.21 22.94
N GLU A 281 4.89 -4.02 22.03
CA GLU A 281 4.10 -2.78 22.00
C GLU A 281 2.76 -3.03 21.33
N PRO A 282 1.82 -2.08 21.48
CA PRO A 282 0.63 -2.14 20.61
C PRO A 282 0.98 -1.85 19.15
N ALA A 283 0.24 -2.44 18.22
CA ALA A 283 0.47 -2.18 16.79
C ALA A 283 0.07 -0.75 16.38
N GLY A 284 -0.84 -0.14 17.13
CA GLY A 284 -1.24 1.24 16.82
C GLY A 284 -0.39 2.32 17.51
N GLY A 285 -0.67 3.55 17.08
CA GLY A 285 0.03 4.79 17.53
C GLY A 285 -0.58 5.35 18.82
N SER A 286 -0.11 6.55 19.17
CA SER A 286 -0.45 7.25 20.43
C SER A 286 -1.89 7.83 20.49
N ALA A 287 -2.58 7.83 19.37
CA ALA A 287 -4.00 8.28 19.25
C ALA A 287 -4.38 9.55 20.03
N PRO A 288 -3.82 10.71 19.65
CA PRO A 288 -3.88 11.91 20.49
C PRO A 288 -5.31 12.42 20.69
N ASP A 289 -6.18 12.04 19.76
CA ASP A 289 -7.61 12.31 19.79
C ASP A 289 -8.27 11.95 21.10
N ILE A 290 -8.02 10.73 21.56
CA ILE A 290 -8.69 10.19 22.73
C ILE A 290 -7.76 10.10 23.94
N ALA A 291 -6.49 10.47 23.73
CA ALA A 291 -5.49 10.42 24.78
C ALA A 291 -6.00 11.08 26.07
N GLY A 292 -5.88 10.38 27.19
CA GLY A 292 -6.21 10.93 28.49
C GLY A 292 -7.71 10.91 28.83
N LYS A 293 -8.49 10.32 27.95
CA LYS A 293 -9.96 10.30 28.12
C LYS A 293 -10.51 8.99 28.70
N ASN A 294 -9.63 8.08 29.01
CA ASN A 294 -9.99 6.76 29.58
C ASN A 294 -10.93 6.00 28.64
N ILE A 295 -10.68 6.17 27.36
CA ILE A 295 -11.42 5.51 26.29
C ILE A 295 -10.61 4.33 25.67
N ALA A 296 -9.30 4.56 25.46
CA ALA A 296 -8.42 3.68 24.68
C ALA A 296 -8.54 2.20 25.03
N ASN A 297 -8.52 1.35 24.01
CA ASN A 297 -8.53 -0.10 24.20
C ASN A 297 -7.15 -0.54 24.73
N PRO A 298 -7.10 -1.07 25.96
CA PRO A 298 -5.83 -1.55 26.50
C PRO A 298 -5.42 -2.95 26.01
N ILE A 299 -6.25 -3.59 25.19
CA ILE A 299 -5.99 -4.99 24.84
C ILE A 299 -4.71 -5.23 24.00
N ALA A 300 -4.42 -4.35 23.05
CA ALA A 300 -3.18 -4.41 22.26
C ALA A 300 -1.93 -4.39 23.14
N GLN A 301 -1.92 -3.51 24.14
CA GLN A 301 -0.82 -3.41 25.09
C GLN A 301 -0.72 -4.63 26.01
N ILE A 302 -1.85 -5.09 26.53
CA ILE A 302 -1.88 -6.26 27.37
C ILE A 302 -1.47 -7.51 26.56
N LEU A 303 -1.92 -7.64 25.33
CA LEU A 303 -1.50 -8.77 24.50
C LEU A 303 -0.01 -8.74 24.14
N SER A 304 0.56 -7.54 24.10
CA SER A 304 1.98 -7.43 23.85
C SER A 304 2.80 -7.77 25.10
N LEU A 305 2.23 -7.56 26.31
CA LEU A 305 2.82 -8.15 27.53
C LEU A 305 2.79 -9.69 27.50
N ALA A 306 1.71 -10.27 26.97
CA ALA A 306 1.64 -11.72 26.80
C ALA A 306 2.80 -12.19 25.89
N LEU A 307 2.99 -11.54 24.73
CA LEU A 307 4.10 -11.89 23.79
C LEU A 307 5.45 -11.77 24.52
N LEU A 308 5.55 -10.74 25.35
CA LEU A 308 6.76 -10.50 26.14
C LEU A 308 7.04 -11.70 27.07
N LEU A 309 6.02 -12.13 27.77
CA LEU A 309 6.12 -13.28 28.71
C LEU A 309 6.49 -14.53 27.93
N ARG A 310 5.85 -14.73 26.78
CA ARG A 310 6.10 -15.91 25.97
C ARG A 310 7.50 -15.94 25.35
N TYR A 311 7.86 -14.86 24.67
CA TYR A 311 9.08 -14.83 23.86
C TYR A 311 10.33 -14.39 24.60
N SER A 312 10.18 -13.58 25.63
CA SER A 312 11.35 -13.09 26.34
C SER A 312 11.53 -13.66 27.72
N LEU A 313 10.44 -14.05 28.38
CA LEU A 313 10.56 -14.44 29.78
C LEU A 313 10.22 -15.91 29.97
N ASP A 314 10.23 -16.67 28.89
CA ASP A 314 10.05 -18.12 28.94
C ASP A 314 8.84 -18.47 29.82
N ALA A 315 7.74 -17.78 29.57
CA ALA A 315 6.57 -17.91 30.44
C ALA A 315 5.31 -17.96 29.57
N ASN A 316 5.30 -18.95 28.68
CA ASN A 316 4.12 -19.26 27.89
C ASN A 316 2.90 -19.45 28.79
N ASP A 317 3.13 -20.01 29.98
CA ASP A 317 2.06 -20.19 30.95
C ASP A 317 1.32 -18.89 31.27
N ALA A 318 2.06 -17.87 31.65
CA ALA A 318 1.50 -16.55 31.94
C ALA A 318 0.96 -15.86 30.67
N ALA A 319 1.65 -16.05 29.54
CA ALA A 319 1.20 -15.49 28.25
C ALA A 319 -0.18 -16.01 27.86
N THR A 320 -0.36 -17.32 28.02
CA THR A 320 -1.61 -17.96 27.62
C THR A 320 -2.76 -17.67 28.59
N ALA A 321 -2.44 -17.48 29.86
CA ALA A 321 -3.44 -17.10 30.85
C ALA A 321 -4.00 -15.71 30.48
N ILE A 322 -3.11 -14.83 30.03
CA ILE A 322 -3.51 -13.46 29.71
C ILE A 322 -4.45 -13.47 28.52
N GLU A 323 -4.08 -14.24 27.52
CA GLU A 323 -4.89 -14.34 26.32
C GLU A 323 -6.25 -14.94 26.67
N GLN A 324 -6.22 -15.87 27.60
CA GLN A 324 -7.45 -16.52 28.08
C GLN A 324 -8.35 -15.47 28.76
N ALA A 325 -7.73 -14.65 29.61
CA ALA A 325 -8.45 -13.60 30.36
C ALA A 325 -9.12 -12.62 29.40
N ILE A 326 -8.49 -12.40 28.26
CA ILE A 326 -9.01 -11.49 27.25
C ILE A 326 -10.15 -12.08 26.41
N ASN A 327 -10.09 -13.37 26.12
CA ASN A 327 -11.19 -14.05 25.43
C ASN A 327 -12.45 -14.20 26.30
N ARG A 328 -12.25 -14.43 27.59
CA ARG A 328 -13.37 -14.53 28.51
C ARG A 328 -14.16 -13.22 28.56
N ALA A 329 -13.45 -12.13 28.84
CA ALA A 329 -14.03 -10.79 28.79
C ALA A 329 -14.80 -10.49 27.49
N LEU A 330 -14.17 -10.78 26.36
CA LEU A 330 -14.82 -10.61 25.05
C LEU A 330 -16.01 -11.57 24.86
N GLU A 331 -15.88 -12.79 25.39
CA GLU A 331 -16.95 -13.79 25.40
C GLU A 331 -18.16 -13.23 26.14
N GLU A 332 -17.87 -12.67 27.31
CA GLU A 332 -18.87 -12.00 28.12
C GLU A 332 -19.45 -10.76 27.44
N GLY A 333 -18.76 -10.29 26.40
CA GLY A 333 -19.26 -9.16 25.64
C GLY A 333 -18.75 -7.83 26.15
N VAL A 334 -17.68 -7.85 26.94
CA VAL A 334 -17.03 -6.61 27.38
C VAL A 334 -16.33 -5.91 26.23
N ARG A 335 -16.60 -4.62 26.07
CA ARG A 335 -16.05 -3.86 24.95
C ARG A 335 -15.62 -2.48 25.43
N THR A 336 -14.46 -2.02 25.00
CA THR A 336 -14.16 -0.61 25.07
C THR A 336 -14.89 0.10 23.91
N GLY A 337 -14.81 1.42 23.88
CA GLY A 337 -15.61 2.22 22.97
C GLY A 337 -15.37 1.93 21.50
N ASP A 338 -14.14 1.58 21.14
CA ASP A 338 -13.78 1.26 19.76
C ASP A 338 -14.52 0.04 19.19
N LEU A 339 -14.94 -0.87 20.05
CA LEU A 339 -15.57 -2.12 19.61
C LEU A 339 -16.97 -2.29 20.13
N ALA A 340 -17.47 -1.20 20.63
CA ALA A 340 -18.87 -1.10 21.00
C ALA A 340 -19.42 -0.08 20.05
N ARG A 341 -18.42 0.53 19.45
CA ARG A 341 -18.53 1.71 18.63
C ARG A 341 -19.21 2.79 19.49
N GLY A 342 -18.86 2.73 20.78
CA GLY A 342 -19.28 3.75 21.76
C GLY A 342 -20.27 3.26 22.85
N ALA A 343 -21.40 2.75 22.42
CA ALA A 343 -22.52 2.40 23.32
C ALA A 343 -22.30 1.07 24.10
N ALA A 344 -22.43 1.20 25.42
CA ALA A 344 -22.33 0.07 26.39
C ALA A 344 -20.88 -0.29 26.71
N ALA A 345 -19.94 0.52 26.22
CA ALA A 345 -18.51 0.29 26.41
C ALA A 345 -18.05 0.44 27.87
N VAL A 346 -16.95 -0.21 28.21
CA VAL A 346 -16.27 0.02 29.48
C VAL A 346 -15.10 0.95 29.23
N SER A 347 -14.61 1.58 30.28
CA SER A 347 -13.44 2.45 30.20
C SER A 347 -12.15 1.62 30.06
N THR A 348 -11.06 2.28 29.69
CA THR A 348 -9.73 1.68 29.67
C THR A 348 -9.48 0.99 31.01
N ASP A 349 -9.74 1.76 32.06
CA ASP A 349 -9.52 1.29 33.42
C ASP A 349 -10.25 0.03 33.83
N GLU A 350 -11.56 -0.04 33.56
CA GLU A 350 -12.34 -1.20 33.96
C GLU A 350 -11.97 -2.41 33.10
N MET A 351 -11.70 -2.17 31.84
CA MET A 351 -11.28 -3.27 30.95
C MET A 351 -9.98 -3.87 31.49
N GLY A 352 -9.11 -2.97 31.92
CA GLY A 352 -7.81 -3.36 32.49
C GLY A 352 -8.01 -3.99 33.85
N ASP A 353 -8.95 -3.46 34.65
CA ASP A 353 -9.26 -4.05 35.96
C ASP A 353 -9.82 -5.45 35.77
N ILE A 354 -10.71 -5.60 34.80
CA ILE A 354 -11.37 -6.88 34.55
C ILE A 354 -10.35 -7.93 34.13
N ILE A 355 -9.49 -7.61 33.17
CA ILE A 355 -8.50 -8.56 32.66
C ILE A 355 -7.49 -8.95 33.75
N ALA A 356 -6.98 -7.98 34.47
CA ALA A 356 -6.09 -8.24 35.59
C ALA A 356 -6.77 -9.21 36.57
N ARG A 357 -8.06 -8.98 36.80
CA ARG A 357 -8.86 -9.75 37.76
C ARG A 357 -9.08 -11.19 37.30
N TYR A 358 -9.44 -11.38 36.04
CA TYR A 358 -9.63 -12.72 35.49
C TYR A 358 -8.33 -13.54 35.47
N VAL A 359 -7.19 -12.88 35.29
CA VAL A 359 -5.91 -13.57 35.32
C VAL A 359 -5.64 -14.14 36.71
N ALA A 360 -5.68 -13.27 37.73
CA ALA A 360 -5.44 -13.67 39.11
C ALA A 360 -6.51 -14.64 39.58
N GLU A 361 -7.70 -14.48 39.02
CA GLU A 361 -8.85 -15.33 39.36
C GLU A 361 -8.64 -16.75 38.84
N GLY A 362 -7.52 -16.95 38.17
CA GLY A 362 -7.17 -18.26 37.61
C GLY A 362 -7.96 -18.50 36.34
N VAL A 363 -9.28 -18.53 36.48
CA VAL A 363 -10.18 -18.49 35.33
C VAL A 363 -11.04 -17.23 35.45
N MET B 1 -9.38 26.09 -34.66
CA MET B 1 -8.14 25.35 -34.36
C MET B 1 -7.49 24.94 -35.69
N SER B 2 -6.46 24.12 -35.58
CA SER B 2 -5.72 23.65 -36.76
C SER B 2 -6.36 22.41 -37.34
N LYS B 3 -6.58 21.46 -36.47
CA LYS B 3 -7.19 20.20 -36.84
C LYS B 3 -6.15 19.21 -37.32
N ASN B 4 -6.66 18.15 -37.86
CA ASN B 4 -5.88 17.06 -38.38
C ASN B 4 -4.94 16.56 -37.34
N TYR B 5 -5.57 15.83 -36.46
CA TYR B 5 -4.88 15.14 -35.42
C TYR B 5 -4.60 13.74 -35.95
N HIS B 6 -3.51 13.16 -35.48
CA HIS B 6 -3.18 11.78 -35.80
C HIS B 6 -2.91 10.98 -34.53
N ILE B 7 -3.52 9.82 -34.51
CA ILE B 7 -3.39 8.89 -33.39
C ILE B 7 -2.86 7.54 -33.88
N ALA B 8 -1.91 7.02 -33.13
CA ALA B 8 -1.36 5.67 -33.36
C ALA B 8 -2.18 4.76 -32.46
N VAL B 9 -2.83 3.80 -33.08
CA VAL B 9 -3.72 2.87 -32.40
C VAL B 9 -3.02 1.49 -32.30
N LEU B 10 -2.76 1.07 -31.06
CA LEU B 10 -2.03 -0.20 -30.75
C LEU B 10 -2.94 -1.14 -29.94
N PRO B 11 -3.93 -1.78 -30.58
CA PRO B 11 -4.93 -2.62 -29.88
C PRO B 11 -4.35 -3.76 -29.04
N GLY B 12 -3.30 -4.42 -29.49
CA GLY B 12 -2.66 -5.50 -28.68
C GLY B 12 -3.40 -6.83 -28.78
N ASP B 13 -3.46 -7.51 -27.65
CA ASP B 13 -3.91 -8.91 -27.57
C ASP B 13 -5.18 -9.02 -26.77
N GLY B 14 -5.84 -10.16 -26.93
CA GLY B 14 -6.90 -10.57 -26.03
C GLY B 14 -8.13 -9.69 -26.14
N ILE B 15 -8.56 -9.09 -25.04
CA ILE B 15 -9.66 -8.12 -25.11
C ILE B 15 -9.31 -6.78 -25.74
N GLY B 16 -8.02 -6.53 -25.96
CA GLY B 16 -7.58 -5.24 -26.48
C GLY B 16 -8.22 -4.80 -27.81
N PRO B 17 -8.16 -5.63 -28.88
CA PRO B 17 -8.86 -5.33 -30.14
C PRO B 17 -10.37 -5.20 -29.96
N GLU B 18 -10.94 -5.94 -29.02
CA GLU B 18 -12.39 -5.90 -28.76
C GLU B 18 -12.81 -4.53 -28.21
N VAL B 19 -12.20 -4.13 -27.09
CA VAL B 19 -12.57 -2.87 -26.44
C VAL B 19 -12.08 -1.67 -27.23
N MET B 20 -11.03 -1.88 -28.02
CA MET B 20 -10.49 -0.79 -28.85
C MET B 20 -11.49 -0.44 -29.97
N ALA B 21 -12.19 -1.46 -30.48
CA ALA B 21 -13.20 -1.24 -31.54
C ALA B 21 -14.26 -0.26 -31.01
N GLN B 22 -14.62 -0.38 -29.76
CA GLN B 22 -15.69 0.42 -29.21
C GLN B 22 -15.20 1.82 -28.87
N ALA B 23 -13.91 1.96 -28.51
CA ALA B 23 -13.32 3.28 -28.36
C ALA B 23 -13.24 4.01 -29.71
N LEU B 24 -12.94 3.27 -30.76
CA LEU B 24 -12.89 3.83 -32.11
C LEU B 24 -14.29 4.19 -32.66
N LYS B 25 -15.30 3.44 -32.24
CA LYS B 25 -16.67 3.71 -32.63
C LYS B 25 -17.14 5.05 -31.98
N VAL B 26 -16.80 5.24 -30.70
CA VAL B 26 -17.12 6.45 -29.96
C VAL B 26 -16.34 7.61 -30.51
N MET B 27 -15.10 7.35 -30.92
CA MET B 27 -14.26 8.38 -31.55
C MET B 27 -14.86 8.90 -32.86
N ASP B 28 -15.53 8.05 -33.62
CA ASP B 28 -16.17 8.57 -34.82
C ASP B 28 -17.35 9.49 -34.46
N ALA B 29 -18.07 9.15 -33.41
CA ALA B 29 -19.17 9.99 -32.94
C ALA B 29 -18.62 11.34 -32.48
N VAL B 30 -17.40 11.34 -31.97
CA VAL B 30 -16.72 12.58 -31.55
C VAL B 30 -16.30 13.41 -32.77
N ARG B 31 -15.82 12.72 -33.80
CA ARG B 31 -15.45 13.34 -35.08
C ARG B 31 -16.62 14.17 -35.62
N SER B 32 -17.79 13.54 -35.66
CA SER B 32 -18.99 14.13 -36.25
C SER B 32 -19.53 15.27 -35.41
N ARG B 33 -19.74 15.01 -34.12
CA ARG B 33 -20.39 15.98 -33.25
C ARG B 33 -19.51 17.19 -32.97
N PHE B 34 -18.19 17.00 -32.99
CA PHE B 34 -17.27 18.09 -32.71
C PHE B 34 -16.49 18.57 -33.91
N ASP B 35 -16.84 18.12 -35.10
CA ASP B 35 -16.16 18.52 -36.32
C ASP B 35 -14.63 18.43 -36.14
N MET B 36 -14.16 17.28 -35.69
CA MET B 36 -12.72 17.06 -35.51
C MET B 36 -12.19 16.13 -36.60
N ARG B 37 -10.99 16.46 -37.06
CA ARG B 37 -10.29 15.61 -38.01
C ARG B 37 -9.29 14.78 -37.20
N ILE B 38 -9.62 13.51 -36.99
CA ILE B 38 -8.72 12.58 -36.28
C ILE B 38 -8.45 11.37 -37.17
N THR B 39 -7.24 11.32 -37.72
CA THR B 39 -6.82 10.17 -38.51
C THR B 39 -6.05 9.19 -37.62
N THR B 40 -6.15 7.90 -37.94
CA THR B 40 -5.51 6.86 -37.16
C THR B 40 -4.59 6.03 -38.05
N SER B 41 -3.55 5.45 -37.44
CA SER B 41 -2.82 4.35 -38.02
C SER B 41 -2.69 3.23 -36.99
N HIS B 42 -3.00 1.99 -37.36
CA HIS B 42 -2.97 0.89 -36.40
C HIS B 42 -1.61 0.18 -36.48
N TYR B 43 -1.11 -0.29 -35.33
CA TYR B 43 0.18 -1.00 -35.32
C TYR B 43 0.14 -2.23 -34.42
N ASP B 44 0.90 -3.27 -34.77
CA ASP B 44 1.08 -4.42 -33.89
C ASP B 44 1.88 -4.04 -32.65
N VAL B 45 1.48 -4.58 -31.50
CA VAL B 45 2.25 -4.49 -30.27
C VAL B 45 1.95 -5.73 -29.42
N GLY B 46 2.91 -6.12 -28.58
CA GLY B 46 2.70 -7.27 -27.69
C GLY B 46 2.75 -8.62 -28.41
N GLY B 47 1.90 -9.53 -27.95
CA GLY B 47 1.75 -10.83 -28.59
C GLY B 47 1.59 -10.86 -30.09
N ILE B 48 0.68 -10.04 -30.63
CA ILE B 48 0.48 -9.99 -32.06
C ILE B 48 1.71 -9.51 -32.84
N ALA B 49 2.51 -8.65 -32.21
CA ALA B 49 3.77 -8.22 -32.84
C ALA B 49 4.81 -9.34 -32.82
N ILE B 50 4.78 -10.15 -31.78
CA ILE B 50 5.69 -11.30 -31.68
C ILE B 50 5.33 -12.29 -32.81
N ASP B 51 4.03 -12.50 -32.97
CA ASP B 51 3.48 -13.41 -34.01
C ASP B 51 3.88 -12.96 -35.39
N ASN B 52 3.80 -11.63 -35.62
CA ASN B 52 3.92 -11.08 -36.97
C ASN B 52 5.31 -10.50 -37.27
N HIS B 53 6.06 -10.18 -36.22
CA HIS B 53 7.38 -9.54 -36.43
C HIS B 53 8.48 -10.17 -35.63
N GLY B 54 8.15 -11.08 -34.73
CA GLY B 54 9.15 -11.79 -33.97
C GLY B 54 9.52 -11.15 -32.64
N HIS B 55 8.99 -9.96 -32.36
CA HIS B 55 9.23 -9.29 -31.09
C HIS B 55 8.16 -8.23 -30.80
N PRO B 56 8.00 -7.88 -29.52
CA PRO B 56 6.76 -7.21 -29.08
C PRO B 56 6.77 -5.76 -29.36
N LEU B 57 7.93 -5.22 -29.64
CA LEU B 57 7.95 -3.80 -29.96
C LEU B 57 8.69 -3.52 -31.28
N PRO B 58 8.04 -3.78 -32.48
CA PRO B 58 8.61 -3.52 -33.84
C PRO B 58 9.00 -2.06 -33.99
N LYS B 59 9.94 -1.78 -34.88
CA LYS B 59 10.40 -0.43 -35.10
C LYS B 59 9.37 0.42 -35.85
N ALA B 60 8.64 -0.22 -36.75
CA ALA B 60 7.58 0.45 -37.47
C ALA B 60 6.49 0.94 -36.50
N THR B 61 6.30 0.22 -35.41
CA THR B 61 5.31 0.60 -34.41
C THR B 61 5.78 1.84 -33.64
N VAL B 62 7.03 1.82 -33.17
CA VAL B 62 7.62 2.97 -32.46
C VAL B 62 7.64 4.22 -33.36
N GLU B 63 8.03 4.04 -34.62
CA GLU B 63 8.01 5.15 -35.58
C GLU B 63 6.62 5.69 -35.86
N GLY B 64 5.65 4.79 -36.00
CA GLY B 64 4.26 5.19 -36.14
C GLY B 64 3.77 6.00 -34.94
N CYS B 65 4.22 5.64 -33.74
CA CYS B 65 3.91 6.40 -32.54
C CYS B 65 4.59 7.77 -32.53
N GLU B 66 5.85 7.81 -32.96
CA GLU B 66 6.59 9.08 -33.09
C GLU B 66 5.88 10.03 -34.03
N GLN B 67 5.22 9.48 -35.05
CA GLN B 67 4.52 10.27 -36.06
C GLN B 67 3.08 10.65 -35.68
N ALA B 68 2.76 10.53 -34.39
CA ALA B 68 1.38 10.72 -33.91
C ALA B 68 1.34 11.74 -32.77
N ASP B 69 0.16 12.32 -32.56
CA ASP B 69 -0.10 13.24 -31.44
C ASP B 69 -0.32 12.53 -30.14
N ALA B 70 -0.63 11.22 -30.20
CA ALA B 70 -0.92 10.41 -29.01
C ALA B 70 -1.01 8.94 -29.39
N ILE B 71 -0.92 8.07 -28.38
CA ILE B 71 -1.01 6.63 -28.57
C ILE B 71 -2.26 6.13 -27.88
N LEU B 72 -3.17 5.52 -28.64
CA LEU B 72 -4.32 4.83 -28.04
C LEU B 72 -4.01 3.32 -28.04
N PHE B 73 -3.81 2.81 -26.82
CA PHE B 73 -3.19 1.52 -26.55
C PHE B 73 -4.24 0.64 -25.85
N GLY B 74 -4.34 -0.60 -26.28
CA GLY B 74 -5.29 -1.56 -25.67
C GLY B 74 -4.63 -2.24 -24.49
N SER B 75 -4.34 -3.51 -24.69
CA SER B 75 -3.63 -4.31 -23.70
C SER B 75 -2.92 -5.43 -24.41
N VAL B 76 -2.00 -5.97 -23.70
CA VAL B 76 -1.04 -6.90 -24.31
C VAL B 76 -0.75 -8.06 -23.34
N GLY B 77 -0.56 -9.23 -23.93
CA GLY B 77 -0.18 -10.44 -23.16
C GLY B 77 -1.23 -11.55 -23.20
N GLY B 78 -0.82 -12.71 -22.70
CA GLY B 78 -1.67 -13.88 -22.74
C GLY B 78 -0.85 -15.14 -22.76
N PRO B 79 -1.49 -16.27 -22.46
CA PRO B 79 -0.85 -17.59 -22.34
C PRO B 79 -0.03 -18.03 -23.55
N LYS B 80 -0.39 -17.57 -24.74
CA LYS B 80 0.35 -17.96 -25.95
C LYS B 80 1.82 -17.55 -25.92
N TRP B 81 2.16 -16.56 -25.09
CA TRP B 81 3.53 -16.03 -25.08
C TRP B 81 4.18 -16.14 -23.72
N GLU B 82 3.53 -16.87 -22.82
CA GLU B 82 4.06 -17.09 -21.48
C GLU B 82 5.21 -18.10 -21.44
N ASN B 83 5.35 -18.91 -22.49
CA ASN B 83 6.50 -19.80 -22.65
C ASN B 83 7.78 -19.13 -23.15
N LEU B 84 7.74 -17.83 -23.36
CA LEU B 84 8.94 -17.08 -23.69
C LEU B 84 9.67 -16.68 -22.40
N PRO B 85 10.99 -16.38 -22.49
CA PRO B 85 11.69 -15.67 -21.43
C PRO B 85 10.94 -14.41 -21.01
N PRO B 86 10.84 -14.18 -19.69
CA PRO B 86 10.13 -13.01 -19.16
C PRO B 86 10.41 -11.70 -19.87
N GLU B 87 11.68 -11.43 -20.10
CA GLU B 87 12.09 -10.19 -20.74
C GLU B 87 11.69 -10.09 -22.24
N SER B 88 11.25 -11.22 -22.80
CA SER B 88 10.85 -11.26 -24.20
C SER B 88 9.33 -11.25 -24.37
N GLN B 89 8.60 -11.22 -23.24
CA GLN B 89 7.13 -11.32 -23.25
C GLN B 89 6.47 -9.96 -23.56
N PRO B 90 5.23 -9.93 -24.05
CA PRO B 90 4.57 -8.77 -24.67
C PRO B 90 4.61 -7.58 -23.77
N GLU B 91 4.19 -7.55 -22.54
CA GLU B 91 4.03 -6.27 -21.81
C GLU B 91 5.33 -5.63 -21.33
N ARG B 92 6.21 -6.45 -20.79
CA ARG B 92 7.58 -6.05 -20.44
C ARG B 92 8.35 -5.51 -21.65
N GLY B 93 8.25 -6.21 -22.78
CA GLY B 93 8.96 -5.81 -23.97
C GLY B 93 8.38 -4.62 -24.72
N ALA B 94 7.18 -4.21 -24.35
CA ALA B 94 6.50 -3.17 -25.12
C ALA B 94 6.15 -1.92 -24.30
N LEU B 95 5.47 -2.11 -23.17
CA LEU B 95 5.01 -0.96 -22.41
C LEU B 95 6.16 -0.15 -21.81
N LEU B 96 7.15 -0.84 -21.24
CA LEU B 96 8.26 -0.13 -20.61
C LEU B 96 9.16 0.61 -21.59
N PRO B 97 9.56 -0.03 -22.69
CA PRO B 97 10.36 0.73 -23.66
C PRO B 97 9.65 1.95 -24.27
N LEU B 98 8.32 1.87 -24.43
CA LEU B 98 7.54 3.01 -24.95
C LEU B 98 7.54 4.19 -23.98
N ARG B 99 7.26 3.92 -22.70
CA ARG B 99 7.36 4.94 -21.66
C ARG B 99 8.73 5.60 -21.67
N LYS B 100 9.76 4.78 -21.75
CA LYS B 100 11.13 5.25 -21.72
C LYS B 100 11.45 6.05 -22.97
N HIS B 101 11.13 5.48 -24.13
CA HIS B 101 11.38 6.14 -25.41
C HIS B 101 10.74 7.52 -25.45
N PHE B 102 9.48 7.59 -25.00
CA PHE B 102 8.70 8.81 -25.11
C PHE B 102 8.71 9.65 -23.84
N LYS B 103 9.58 9.30 -22.90
CA LYS B 103 9.74 10.04 -21.64
C LYS B 103 8.43 10.33 -20.98
N LEU B 104 7.62 9.29 -20.84
CA LEU B 104 6.31 9.42 -20.25
C LEU B 104 6.44 9.41 -18.72
N PHE B 105 6.80 10.56 -18.17
CA PHE B 105 7.16 10.67 -16.77
C PHE B 105 5.96 10.68 -15.84
N SER B 106 4.78 11.02 -16.35
CA SER B 106 3.60 11.09 -15.47
C SER B 106 2.56 10.01 -15.77
N ASN B 107 2.01 9.44 -14.72
CA ASN B 107 0.96 8.46 -14.87
C ASN B 107 -0.26 8.94 -14.08
N LEU B 108 -1.37 9.11 -14.78
CA LEU B 108 -2.59 9.58 -14.16
C LEU B 108 -3.61 8.45 -14.20
N ARG B 109 -4.06 8.04 -13.02
CA ARG B 109 -5.07 7.01 -12.91
C ARG B 109 -6.26 7.48 -12.06
N PRO B 110 -7.33 7.91 -12.74
CA PRO B 110 -8.58 8.31 -12.07
C PRO B 110 -9.35 7.10 -11.56
N ALA B 111 -9.74 7.14 -10.29
CA ALA B 111 -10.53 6.09 -9.67
C ALA B 111 -11.71 6.66 -8.88
N LYS B 112 -12.93 6.42 -9.36
CA LYS B 112 -14.12 6.82 -8.62
C LYS B 112 -15.11 5.66 -8.50
N LEU B 113 -15.86 5.63 -7.42
CA LEU B 113 -16.95 4.69 -7.30
C LEU B 113 -18.18 5.32 -8.00
N TYR B 114 -18.59 4.76 -9.13
CA TYR B 114 -19.78 5.22 -9.85
C TYR B 114 -21.08 4.90 -9.11
N GLN B 115 -21.95 5.89 -9.10
CA GLN B 115 -23.29 5.73 -8.57
C GLN B 115 -23.91 4.54 -9.30
N GLY B 116 -24.41 3.59 -8.56
CA GLY B 116 -25.04 2.42 -9.19
C GLY B 116 -24.14 1.20 -9.12
N LEU B 117 -22.86 1.41 -8.85
CA LEU B 117 -21.90 0.31 -8.86
C LEU B 117 -21.28 0.07 -7.49
N GLU B 118 -21.90 0.59 -6.45
CA GLU B 118 -21.36 0.47 -5.10
C GLU B 118 -21.27 -0.97 -4.66
N ALA B 119 -22.17 -1.81 -5.18
CA ALA B 119 -22.22 -3.19 -4.70
C ALA B 119 -20.90 -3.95 -4.95
N PHE B 120 -20.16 -3.51 -5.97
CA PHE B 120 -18.91 -4.15 -6.33
C PHE B 120 -17.73 -3.63 -5.52
N CYS B 121 -17.88 -2.48 -4.86
CA CYS B 121 -16.81 -1.98 -3.99
C CYS B 121 -16.55 -3.00 -2.87
N PRO B 122 -15.27 -3.41 -2.69
CA PRO B 122 -14.94 -4.42 -1.67
C PRO B 122 -14.90 -3.90 -0.23
N LEU B 123 -15.22 -2.62 -0.04
CA LEU B 123 -15.26 -2.02 1.30
C LEU B 123 -16.64 -2.14 1.90
N ARG B 124 -16.74 -1.99 3.21
CA ARG B 124 -18.03 -2.12 3.89
C ARG B 124 -19.09 -1.17 3.28
N ALA B 125 -20.34 -1.62 3.20
CA ALA B 125 -21.38 -0.88 2.47
C ALA B 125 -21.50 0.58 2.85
N ASP B 126 -21.45 0.89 4.13
CA ASP B 126 -21.60 2.28 4.59
C ASP B 126 -20.38 3.15 4.20
N ILE B 127 -19.21 2.52 4.07
CA ILE B 127 -18.04 3.17 3.49
C ILE B 127 -18.24 3.41 1.98
N ALA B 128 -18.60 2.35 1.25
CA ALA B 128 -18.89 2.44 -0.18
C ALA B 128 -19.99 3.51 -0.42
N ALA B 129 -20.99 3.56 0.46
CA ALA B 129 -22.12 4.50 0.31
C ALA B 129 -21.67 5.96 0.33
N ASN B 130 -20.62 6.23 1.09
CA ASN B 130 -20.02 7.54 1.15
C ASN B 130 -19.38 7.96 -0.15
N GLY B 131 -18.91 6.98 -0.92
CA GLY B 131 -18.31 7.31 -2.19
C GLY B 131 -16.86 7.78 -2.09
N PHE B 132 -16.24 7.92 -3.25
CA PHE B 132 -14.91 8.51 -3.37
C PHE B 132 -14.65 8.80 -4.81
N ASP B 133 -13.64 9.62 -5.06
CA ASP B 133 -13.32 10.05 -6.40
C ASP B 133 -11.91 10.60 -6.34
N ILE B 134 -10.97 9.80 -6.83
CA ILE B 134 -9.55 10.03 -6.60
C ILE B 134 -8.80 10.02 -7.93
N LEU B 135 -7.84 10.92 -8.07
CA LEU B 135 -6.89 10.81 -9.14
C LEU B 135 -5.51 10.56 -8.52
N CYS B 136 -4.91 9.43 -8.89
CA CYS B 136 -3.59 9.11 -8.43
C CYS B 136 -2.61 9.54 -9.49
N VAL B 137 -1.67 10.40 -9.10
CA VAL B 137 -0.60 10.81 -10.02
C VAL B 137 0.70 10.12 -9.58
N ARG B 138 1.25 9.33 -10.47
CA ARG B 138 2.39 8.47 -10.17
C ARG B 138 3.58 8.86 -11.06
N GLU B 139 4.71 9.20 -10.43
CA GLU B 139 5.94 9.47 -11.17
C GLU B 139 6.23 8.12 -11.83
N LEU B 140 6.51 8.14 -13.10
CA LEU B 140 6.54 6.88 -13.86
C LEU B 140 7.91 6.48 -14.43
N THR B 141 8.84 7.40 -14.56
CA THR B 141 10.10 7.02 -15.20
C THR B 141 11.34 7.11 -14.29
N GLY B 142 11.14 7.22 -12.99
CA GLY B 142 12.28 7.39 -12.10
C GLY B 142 12.17 6.55 -10.83
N GLY B 143 13.03 6.84 -9.86
CA GLY B 143 12.97 6.13 -8.60
C GLY B 143 13.68 4.79 -8.62
N ILE B 144 13.35 3.96 -7.65
CA ILE B 144 14.10 2.74 -7.36
C ILE B 144 14.04 1.72 -8.50
N TYR B 145 12.98 1.78 -9.33
CA TYR B 145 12.83 0.82 -10.42
C TYR B 145 13.91 1.01 -11.45
N PHE B 146 14.41 2.24 -11.57
CA PHE B 146 15.39 2.57 -12.60
C PHE B 146 16.68 3.19 -12.06
N GLY B 147 16.71 3.44 -10.78
CA GLY B 147 17.85 4.12 -10.15
C GLY B 147 19.13 3.28 -10.18
N GLN B 148 20.24 3.99 -10.22
CA GLN B 148 21.58 3.40 -10.13
C GLN B 148 22.24 3.98 -8.89
N PRO B 149 23.06 3.19 -8.19
CA PRO B 149 23.44 1.82 -8.58
C PRO B 149 22.38 0.77 -8.30
N LYS B 150 22.46 -0.32 -9.05
CA LYS B 150 21.53 -1.43 -8.99
C LYS B 150 22.35 -2.70 -9.39
N GLY B 151 22.30 -3.73 -8.55
CA GLY B 151 23.14 -4.89 -8.82
C GLY B 151 23.21 -5.91 -7.70
N ARG B 152 24.20 -6.79 -7.83
CA ARG B 152 24.37 -7.90 -6.92
C ARG B 152 25.86 -8.25 -6.88
N GLU B 153 26.42 -8.30 -5.69
CA GLU B 153 27.85 -8.57 -5.55
C GLU B 153 28.25 -9.28 -4.27
N GLY B 154 29.43 -9.88 -4.30
CA GLY B 154 29.94 -10.52 -3.10
C GLY B 154 29.67 -12.01 -3.10
N SER B 155 29.94 -12.61 -1.95
CA SER B 155 29.93 -14.06 -1.84
C SER B 155 29.58 -14.43 -0.41
N GLY B 156 29.09 -15.63 -0.26
CA GLY B 156 28.74 -16.16 1.06
C GLY B 156 27.58 -15.37 1.67
N GLN B 157 27.63 -15.30 2.98
CA GLN B 157 26.57 -14.69 3.78
C GLN B 157 26.49 -13.16 3.60
N TYR B 158 27.60 -12.56 3.18
CA TYR B 158 27.65 -11.11 2.92
C TYR B 158 27.46 -10.73 1.46
N GLU B 159 27.12 -11.69 0.61
CA GLU B 159 26.61 -11.40 -0.72
C GLU B 159 25.39 -10.49 -0.57
N LYS B 160 25.30 -9.51 -1.45
CA LYS B 160 24.28 -8.47 -1.33
C LYS B 160 23.70 -8.09 -2.71
N ALA B 161 22.45 -7.67 -2.71
CA ALA B 161 21.88 -7.06 -3.89
C ALA B 161 21.16 -5.76 -3.44
N PHE B 162 21.11 -4.80 -4.35
CA PHE B 162 20.77 -3.41 -3.99
C PHE B 162 20.11 -2.69 -5.16
N ASP B 163 19.21 -1.79 -4.79
CA ASP B 163 18.53 -0.91 -5.72
C ASP B 163 18.53 0.47 -5.05
N THR B 164 18.50 1.54 -5.84
CA THR B 164 18.61 2.90 -5.28
C THR B 164 17.38 3.76 -5.58
N GLU B 165 16.70 4.17 -4.51
CA GLU B 165 15.56 5.09 -4.60
C GLU B 165 16.12 6.51 -4.66
N VAL B 166 16.30 6.97 -5.88
CA VAL B 166 16.94 8.27 -6.09
C VAL B 166 16.00 9.16 -6.93
N TYR B 167 15.86 10.40 -6.50
CA TYR B 167 15.10 11.38 -7.24
C TYR B 167 15.87 12.68 -7.35
N HIS B 168 15.78 13.31 -8.52
CA HIS B 168 16.39 14.60 -8.79
C HIS B 168 15.32 15.70 -8.71
N ARG B 169 15.78 16.93 -8.47
CA ARG B 169 14.86 18.06 -8.38
C ARG B 169 13.96 18.19 -9.61
N PHE B 170 14.51 18.02 -10.80
CA PHE B 170 13.73 18.18 -12.03
C PHE B 170 12.61 17.15 -12.17
N GLU B 171 12.86 15.93 -11.66
CA GLU B 171 11.85 14.87 -11.68
C GLU B 171 10.70 15.21 -10.77
N ILE B 172 11.04 15.68 -9.57
CA ILE B 172 10.06 15.92 -8.52
C ILE B 172 9.16 17.11 -8.94
N GLU B 173 9.78 18.16 -9.47
CA GLU B 173 9.05 19.35 -9.85
C GLU B 173 8.07 19.06 -10.97
N ARG B 174 8.48 18.34 -12.01
CA ARG B 174 7.57 18.16 -13.13
C ARG B 174 6.36 17.32 -12.77
N ILE B 175 6.54 16.32 -11.92
CA ILE B 175 5.40 15.50 -11.53
C ILE B 175 4.53 16.23 -10.48
N ALA B 176 5.13 17.03 -9.61
CA ALA B 176 4.34 17.82 -8.67
C ALA B 176 3.41 18.80 -9.41
N ARG B 177 3.91 19.43 -10.46
CA ARG B 177 3.11 20.40 -11.22
C ARG B 177 1.89 19.76 -11.86
N ILE B 178 2.07 18.57 -12.43
CA ILE B 178 0.96 17.78 -12.95
C ILE B 178 -0.15 17.58 -11.91
N ALA B 179 0.23 17.17 -10.70
CA ALA B 179 -0.72 17.00 -9.60
C ALA B 179 -1.43 18.30 -9.21
N PHE B 180 -0.68 19.39 -9.00
CA PHE B 180 -1.30 20.69 -8.71
C PHE B 180 -2.25 21.19 -9.81
N GLU B 181 -1.84 21.04 -11.06
CA GLU B 181 -2.68 21.42 -12.18
C GLU B 181 -3.93 20.57 -12.28
N SER B 182 -3.80 19.28 -11.93
CA SER B 182 -4.94 18.39 -11.90
C SER B 182 -5.90 18.71 -10.78
N ALA B 183 -5.36 19.07 -9.60
CA ALA B 183 -6.18 19.35 -8.43
C ALA B 183 -7.00 20.65 -8.65
N ARG B 184 -6.41 21.56 -9.38
CA ARG B 184 -7.04 22.84 -9.71
C ARG B 184 -8.33 22.63 -10.50
N LYS B 185 -8.34 21.59 -11.33
CA LYS B 185 -9.52 21.22 -12.12
C LYS B 185 -10.49 20.27 -11.40
N ARG B 186 -10.13 19.81 -10.19
CA ARG B 186 -10.97 18.91 -9.43
C ARG B 186 -11.40 19.62 -8.16
N ARG B 187 -11.03 19.10 -7.00
CA ARG B 187 -11.42 19.74 -5.75
C ARG B 187 -10.27 20.36 -4.98
N ARG B 188 -9.22 20.76 -5.67
CA ARG B 188 -8.19 21.63 -5.09
C ARG B 188 -7.52 21.09 -3.83
N LYS B 189 -7.19 19.81 -3.88
CA LYS B 189 -6.46 19.15 -2.78
C LYS B 189 -5.49 18.10 -3.35
N VAL B 190 -4.22 18.31 -3.01
CA VAL B 190 -3.13 17.37 -3.34
C VAL B 190 -2.65 16.78 -1.98
N THR B 191 -2.66 15.45 -1.87
CA THR B 191 -1.94 14.79 -0.76
C THR B 191 -0.73 14.09 -1.37
N SER B 192 0.45 14.62 -1.05
CA SER B 192 1.73 14.05 -1.46
C SER B 192 2.11 12.92 -0.52
N ILE B 193 2.44 11.77 -1.10
CA ILE B 193 2.65 10.53 -0.35
C ILE B 193 4.15 10.25 -0.30
N ASP B 194 4.71 10.08 0.88
CA ASP B 194 6.14 9.80 1.00
C ASP B 194 6.43 8.97 2.25
N LYS B 195 7.71 8.80 2.56
CA LYS B 195 8.10 8.26 3.85
C LYS B 195 9.18 9.15 4.49
N ALA B 196 8.87 10.45 4.65
CA ALA B 196 9.86 11.47 5.01
C ALA B 196 10.37 11.38 6.43
N ASN B 197 9.73 10.56 7.26
CA ASN B 197 10.25 10.31 8.60
C ASN B 197 11.46 9.37 8.58
N VAL B 198 11.69 8.71 7.44
CA VAL B 198 12.78 7.73 7.33
C VAL B 198 13.70 7.91 6.12
N LEU B 199 13.13 8.23 4.97
CA LEU B 199 13.91 8.33 3.72
C LEU B 199 14.40 9.74 3.40
N GLN B 200 15.66 9.78 2.96
CA GLN B 200 16.34 11.02 2.55
C GLN B 200 15.72 11.53 1.24
N SER B 201 15.32 10.60 0.38
CA SER B 201 14.75 10.95 -0.92
C SER B 201 13.35 11.51 -0.73
N SER B 202 12.66 11.01 0.29
CA SER B 202 11.34 11.52 0.68
C SER B 202 11.41 12.92 1.33
N ILE B 203 12.41 13.17 2.15
CA ILE B 203 12.67 14.51 2.68
C ILE B 203 12.84 15.56 1.58
N LEU B 204 13.67 15.29 0.58
CA LEU B 204 13.75 16.17 -0.58
C LEU B 204 12.41 16.25 -1.30
N TRP B 205 11.78 15.11 -1.57
CA TRP B 205 10.46 15.09 -2.22
C TRP B 205 9.50 16.07 -1.52
N ARG B 206 9.30 15.89 -0.21
CA ARG B 206 8.43 16.74 0.59
C ARG B 206 8.82 18.24 0.54
N GLU B 207 10.13 18.52 0.62
CA GLU B 207 10.66 19.86 0.52
C GLU B 207 10.35 20.54 -0.81
N ILE B 208 10.64 19.86 -1.93
CA ILE B 208 10.36 20.39 -3.25
C ILE B 208 8.85 20.53 -3.56
N VAL B 209 8.03 19.61 -3.08
CA VAL B 209 6.58 19.72 -3.28
C VAL B 209 6.03 20.93 -2.54
N ASN B 210 6.59 21.20 -1.36
CA ASN B 210 6.24 22.41 -0.61
C ASN B 210 6.64 23.67 -1.36
N ASP B 211 7.78 23.65 -2.04
CA ASP B 211 8.18 24.81 -2.86
C ASP B 211 7.22 24.99 -4.04
N VAL B 212 6.99 23.91 -4.77
CA VAL B 212 6.09 23.95 -5.91
C VAL B 212 4.68 24.43 -5.51
N ALA B 213 4.21 24.05 -4.32
CA ALA B 213 2.92 24.49 -3.82
C ALA B 213 2.77 26.01 -3.83
N LYS B 214 3.87 26.71 -3.59
CA LYS B 214 3.85 28.17 -3.54
C LYS B 214 3.45 28.82 -4.88
N THR B 215 3.57 28.04 -5.94
CA THR B 215 3.16 28.45 -7.27
C THR B 215 1.66 28.22 -7.48
N TYR B 216 1.07 27.35 -6.67
CA TYR B 216 -0.36 26.99 -6.77
C TYR B 216 -1.05 27.24 -5.45
N PRO B 217 -1.07 28.51 -4.99
CA PRO B 217 -1.59 28.82 -3.66
C PRO B 217 -3.10 28.60 -3.56
N ASP B 218 -3.73 28.45 -4.72
CA ASP B 218 -5.16 28.11 -4.80
C ASP B 218 -5.45 26.58 -4.74
N VAL B 219 -4.43 25.77 -4.42
CA VAL B 219 -4.60 24.33 -4.18
C VAL B 219 -4.06 23.96 -2.80
N GLU B 220 -4.85 23.24 -2.01
CA GLU B 220 -4.39 22.78 -0.69
C GLU B 220 -3.36 21.65 -0.85
N LEU B 221 -2.34 21.65 -0.01
CA LEU B 221 -1.35 20.59 0.03
C LEU B 221 -1.32 19.98 1.42
N ALA B 222 -1.43 18.65 1.46
CA ALA B 222 -1.19 17.84 2.64
C ALA B 222 -0.15 16.76 2.28
N HIS B 223 0.57 16.32 3.31
CA HIS B 223 1.51 15.20 3.19
C HIS B 223 1.01 14.04 4.05
N MET B 224 1.25 12.82 3.59
CA MET B 224 0.84 11.64 4.31
C MET B 224 1.88 10.53 4.03
N TYR B 225 2.24 9.77 5.05
CA TYR B 225 3.17 8.67 4.86
C TYR B 225 2.50 7.53 4.11
N ILE B 226 3.28 6.82 3.32
CA ILE B 226 2.77 5.72 2.52
C ILE B 226 2.00 4.69 3.35
N ASP B 227 2.47 4.36 4.55
CA ASP B 227 1.82 3.31 5.34
C ASP B 227 0.47 3.79 5.91
N ASN B 228 0.38 5.08 6.24
CA ASN B 228 -0.92 5.65 6.54
C ASN B 228 -1.86 5.69 5.35
N ALA B 229 -1.36 6.06 4.18
CA ALA B 229 -2.22 6.15 2.99
C ALA B 229 -2.84 4.80 2.60
N THR B 230 -2.06 3.72 2.72
CA THR B 230 -2.58 2.36 2.52
C THR B 230 -3.75 2.00 3.43
N MET B 231 -3.67 2.42 4.69
CA MET B 231 -4.76 2.24 5.63
C MET B 231 -5.97 3.15 5.31
N GLN B 232 -5.72 4.41 4.99
CA GLN B 232 -6.75 5.44 4.86
C GLN B 232 -7.62 5.23 3.62
N LEU B 233 -7.06 4.58 2.61
CA LEU B 233 -7.76 4.32 1.38
C LEU B 233 -8.83 3.25 1.64
N ILE B 234 -8.64 2.46 2.70
CA ILE B 234 -9.60 1.46 3.10
C ILE B 234 -10.59 2.06 4.08
N LYS B 235 -10.07 2.87 4.99
CA LYS B 235 -10.86 3.44 6.06
C LYS B 235 -11.83 4.52 5.55
N ASP B 236 -11.30 5.46 4.78
CA ASP B 236 -12.08 6.59 4.30
C ASP B 236 -11.45 7.17 3.04
N PRO B 237 -11.70 6.52 1.91
CA PRO B 237 -11.23 7.01 0.61
C PRO B 237 -11.85 8.35 0.19
N SER B 238 -12.94 8.74 0.82
CA SER B 238 -13.61 10.00 0.45
C SER B 238 -12.75 11.21 0.81
N GLN B 239 -11.79 11.00 1.70
CA GLN B 239 -10.92 12.08 2.12
C GLN B 239 -9.94 12.59 1.05
N PHE B 240 -9.68 11.79 0.01
CA PHE B 240 -8.67 12.16 -0.98
C PHE B 240 -9.25 12.75 -2.27
N ASP B 241 -8.47 13.66 -2.82
CA ASP B 241 -8.73 14.26 -4.14
C ASP B 241 -7.64 13.79 -5.08
N VAL B 242 -6.51 14.50 -5.11
CA VAL B 242 -5.35 14.10 -5.90
C VAL B 242 -4.22 13.53 -5.00
N LEU B 243 -3.72 12.35 -5.35
CA LEU B 243 -2.55 11.75 -4.72
C LEU B 243 -1.33 12.05 -5.58
N LEU B 244 -0.28 12.59 -4.96
CA LEU B 244 0.98 12.81 -5.64
C LEU B 244 2.03 11.83 -5.07
N CYS B 245 2.55 10.96 -5.93
CA CYS B 245 3.35 9.79 -5.48
C CYS B 245 4.65 9.62 -6.27
N SER B 246 5.69 9.11 -5.60
CA SER B 246 6.82 8.47 -6.29
C SER B 246 6.34 7.28 -7.18
N ASN B 247 7.25 6.74 -7.98
CA ASN B 247 6.96 5.58 -8.83
C ASN B 247 6.52 4.35 -8.00
N LEU B 248 7.31 4.00 -6.99
CA LEU B 248 6.96 2.87 -6.12
C LEU B 248 5.66 3.11 -5.36
N PHE B 249 5.55 4.25 -4.66
CA PHE B 249 4.35 4.53 -3.88
C PHE B 249 3.10 4.71 -4.74
N GLY B 250 3.25 5.31 -5.92
CA GLY B 250 2.14 5.47 -6.85
C GLY B 250 1.75 4.14 -7.50
N ASP B 251 2.72 3.28 -7.74
CA ASP B 251 2.47 1.93 -8.27
C ASP B 251 1.53 1.19 -7.34
N ILE B 252 1.90 1.16 -6.05
CA ILE B 252 1.10 0.52 -5.02
C ILE B 252 -0.28 1.18 -4.88
N LEU B 253 -0.33 2.50 -4.74
CA LEU B 253 -1.59 3.15 -4.38
C LEU B 253 -2.60 3.24 -5.51
N SER B 254 -2.13 3.35 -6.76
CA SER B 254 -3.06 3.32 -7.88
C SER B 254 -3.70 1.95 -8.03
N ASP B 255 -2.98 0.88 -7.69
CA ASP B 255 -3.59 -0.44 -7.69
C ASP B 255 -4.56 -0.64 -6.55
N GLU B 256 -4.25 -0.10 -5.38
CA GLU B 256 -5.17 -0.13 -4.25
C GLU B 256 -6.46 0.66 -4.52
N CYS B 257 -6.31 1.83 -5.16
CA CYS B 257 -7.45 2.66 -5.61
C CYS B 257 -8.31 1.87 -6.58
N ALA B 258 -7.66 1.21 -7.53
CA ALA B 258 -8.34 0.36 -8.50
C ALA B 258 -9.10 -0.75 -7.79
N MET B 259 -8.47 -1.38 -6.81
CA MET B 259 -9.13 -2.44 -6.06
C MET B 259 -10.37 -1.94 -5.30
N ILE B 260 -10.29 -0.77 -4.68
CA ILE B 260 -11.41 -0.31 -3.86
C ILE B 260 -12.64 0.11 -4.72
N THR B 261 -12.47 0.35 -6.02
CA THR B 261 -13.65 0.63 -6.88
C THR B 261 -14.38 -0.69 -7.11
N GLY B 262 -13.62 -1.78 -7.14
CA GLY B 262 -14.19 -3.09 -7.37
C GLY B 262 -14.60 -3.30 -8.82
N SER B 263 -14.29 -2.35 -9.69
CA SER B 263 -14.64 -2.47 -11.10
C SER B 263 -13.56 -1.90 -12.02
N MET B 264 -12.54 -2.72 -12.27
CA MET B 264 -11.39 -2.34 -13.09
C MET B 264 -11.75 -2.08 -14.55
N GLY B 265 -12.83 -2.70 -15.02
CA GLY B 265 -13.28 -2.48 -16.39
C GLY B 265 -13.77 -1.07 -16.69
N MET B 266 -13.89 -0.22 -15.65
CA MET B 266 -14.25 1.20 -15.81
C MET B 266 -13.06 2.16 -15.85
N LEU B 267 -11.86 1.66 -15.52
CA LEU B 267 -10.71 2.50 -15.17
C LEU B 267 -9.75 2.78 -16.33
N PRO B 268 -9.53 4.06 -16.65
CA PRO B 268 -8.60 4.48 -17.69
C PRO B 268 -7.25 4.87 -17.09
N SER B 269 -6.27 5.09 -17.97
CA SER B 269 -4.92 5.47 -17.57
C SER B 269 -4.31 6.39 -18.63
N ALA B 270 -3.69 7.47 -18.17
CA ALA B 270 -2.92 8.35 -19.04
C ALA B 270 -1.45 8.38 -18.60
N SER B 271 -0.55 8.20 -19.55
CA SER B 271 0.89 8.39 -19.32
C SER B 271 1.45 9.48 -20.28
N LEU B 272 1.84 10.63 -19.70
CA LEU B 272 2.16 11.85 -20.44
C LEU B 272 3.64 12.24 -20.34
N ASN B 273 4.17 12.82 -21.43
CA ASN B 273 5.45 13.51 -21.37
C ASN B 273 5.27 15.04 -21.24
N GLU B 274 6.37 15.79 -21.16
CA GLU B 274 6.31 17.23 -20.89
C GLU B 274 5.74 18.03 -22.05
N GLN B 275 5.61 17.40 -23.23
CA GLN B 275 5.07 18.05 -24.43
C GLN B 275 3.58 17.71 -24.58
N GLY B 276 2.98 17.01 -23.64
CA GLY B 276 1.58 16.68 -23.74
C GLY B 276 1.24 15.52 -24.64
N PHE B 277 2.25 14.88 -25.24
CA PHE B 277 2.08 13.59 -25.92
C PHE B 277 1.88 12.49 -24.86
N GLY B 278 0.98 11.55 -25.15
CA GLY B 278 0.60 10.58 -24.14
C GLY B 278 0.26 9.20 -24.70
N LEU B 279 0.34 8.23 -23.80
CA LEU B 279 -0.14 6.88 -24.07
C LEU B 279 -1.33 6.61 -23.15
N TYR B 280 -2.45 6.29 -23.80
CA TYR B 280 -3.71 6.15 -23.12
C TYR B 280 -4.18 4.71 -23.27
N GLU B 281 -4.57 4.09 -22.15
CA GLU B 281 -4.85 2.66 -22.15
C GLU B 281 -5.78 2.38 -20.99
N PRO B 282 -6.44 1.22 -20.99
CA PRO B 282 -7.17 0.78 -19.79
C PRO B 282 -6.20 0.53 -18.64
N ALA B 283 -6.65 0.74 -17.41
CA ALA B 283 -5.89 0.30 -16.24
C ALA B 283 -5.68 -1.23 -16.20
N GLY B 284 -6.69 -2.00 -16.63
CA GLY B 284 -6.62 -3.45 -16.54
C GLY B 284 -5.88 -4.14 -17.69
N GLY B 285 -5.70 -5.46 -17.55
CA GLY B 285 -4.94 -6.21 -18.55
C GLY B 285 -5.79 -6.81 -19.70
N SER B 286 -5.18 -7.77 -20.41
CA SER B 286 -5.75 -8.34 -21.66
C SER B 286 -6.80 -9.46 -21.46
N ALA B 287 -7.09 -9.76 -20.21
CA ALA B 287 -8.15 -10.72 -19.80
C ALA B 287 -8.30 -11.87 -20.80
N PRO B 288 -7.35 -12.81 -20.90
CA PRO B 288 -7.36 -13.81 -21.93
C PRO B 288 -8.56 -14.68 -21.75
N ASP B 289 -8.97 -14.86 -20.52
CA ASP B 289 -10.06 -15.77 -20.14
C ASP B 289 -11.41 -15.41 -20.80
N ILE B 290 -11.61 -14.14 -21.15
CA ILE B 290 -12.83 -13.74 -21.85
C ILE B 290 -12.58 -13.16 -23.22
N ALA B 291 -11.32 -13.14 -23.64
CA ALA B 291 -10.93 -12.58 -24.92
C ALA B 291 -11.70 -13.16 -26.12
N GLY B 292 -12.18 -12.27 -26.99
CA GLY B 292 -12.89 -12.68 -28.18
C GLY B 292 -14.36 -13.03 -27.95
N LYS B 293 -14.82 -12.97 -26.72
CA LYS B 293 -16.19 -13.41 -26.40
C LYS B 293 -17.24 -12.27 -26.42
N ASN B 294 -16.79 -11.06 -26.69
CA ASN B 294 -17.69 -9.89 -26.80
C ASN B 294 -18.43 -9.60 -25.48
N ILE B 295 -17.73 -9.80 -24.37
CA ILE B 295 -18.31 -9.51 -23.05
C ILE B 295 -17.46 -8.47 -22.27
N ALA B 296 -16.18 -8.30 -22.64
CA ALA B 296 -15.28 -7.34 -21.98
C ALA B 296 -15.92 -5.94 -21.86
N ASN B 297 -15.75 -5.30 -20.70
CA ASN B 297 -16.27 -3.93 -20.50
C ASN B 297 -15.40 -2.95 -21.32
N PRO B 298 -15.99 -2.27 -22.32
CA PRO B 298 -15.18 -1.33 -23.09
C PRO B 298 -15.00 0.07 -22.47
N ILE B 299 -15.55 0.28 -21.28
CA ILE B 299 -15.61 1.63 -20.72
C ILE B 299 -14.24 2.16 -20.32
N ALA B 300 -13.39 1.28 -19.78
CA ALA B 300 -11.97 1.65 -19.55
C ALA B 300 -11.28 2.21 -20.80
N GLN B 301 -11.35 1.47 -21.90
CA GLN B 301 -10.74 1.94 -23.15
C GLN B 301 -11.38 3.24 -23.66
N ILE B 302 -12.71 3.31 -23.59
CA ILE B 302 -13.44 4.50 -24.03
C ILE B 302 -13.09 5.75 -23.18
N LEU B 303 -12.94 5.58 -21.87
CA LEU B 303 -12.53 6.69 -21.01
C LEU B 303 -11.07 7.06 -21.17
N SER B 304 -10.26 6.13 -21.68
CA SER B 304 -8.89 6.44 -22.00
C SER B 304 -8.80 7.23 -23.32
N LEU B 305 -9.78 7.04 -24.22
CA LEU B 305 -9.95 7.96 -25.37
C LEU B 305 -10.34 9.36 -24.87
N ALA B 306 -11.24 9.43 -23.90
CA ALA B 306 -11.66 10.71 -23.32
C ALA B 306 -10.44 11.45 -22.73
N LEU B 307 -9.55 10.70 -22.05
CA LEU B 307 -8.31 11.28 -21.54
C LEU B 307 -7.32 11.70 -22.64
N LEU B 308 -7.29 10.96 -23.74
CA LEU B 308 -6.46 11.32 -24.87
C LEU B 308 -6.93 12.67 -25.46
N LEU B 309 -8.24 12.82 -25.60
CA LEU B 309 -8.85 14.04 -26.11
C LEU B 309 -8.56 15.22 -25.18
N ARG B 310 -8.70 15.00 -23.88
CA ARG B 310 -8.48 16.05 -22.91
C ARG B 310 -7.01 16.49 -22.75
N TYR B 311 -6.06 15.56 -22.73
CA TYR B 311 -4.66 15.87 -22.42
C TYR B 311 -3.75 16.04 -23.62
N SER B 312 -4.07 15.41 -24.74
CA SER B 312 -3.24 15.50 -25.94
C SER B 312 -3.83 16.35 -27.07
N LEU B 313 -5.15 16.30 -27.26
CA LEU B 313 -5.78 16.95 -28.42
C LEU B 313 -6.52 18.25 -28.08
N ASP B 314 -6.35 18.75 -26.85
CA ASP B 314 -6.97 20.00 -26.40
C ASP B 314 -8.49 19.95 -26.62
N ALA B 315 -9.13 18.88 -26.18
CA ALA B 315 -10.51 18.61 -26.58
C ALA B 315 -11.30 18.19 -25.37
N ASN B 316 -11.24 19.04 -24.35
CA ASN B 316 -11.92 18.77 -23.11
C ASN B 316 -13.42 18.63 -23.28
N ASP B 317 -13.97 19.35 -24.26
CA ASP B 317 -15.41 19.29 -24.49
C ASP B 317 -15.77 17.91 -24.97
N ALA B 318 -15.02 17.43 -25.95
CA ALA B 318 -15.17 16.05 -26.45
C ALA B 318 -14.98 14.99 -25.34
N ALA B 319 -13.97 15.18 -24.49
CA ALA B 319 -13.73 14.29 -23.36
C ALA B 319 -14.90 14.26 -22.38
N THR B 320 -15.36 15.45 -22.02
CA THR B 320 -16.51 15.58 -21.14
C THR B 320 -17.79 15.00 -21.73
N ALA B 321 -17.97 15.09 -23.05
CA ALA B 321 -19.14 14.49 -23.69
C ALA B 321 -19.13 12.95 -23.61
N ILE B 322 -17.96 12.34 -23.76
CA ILE B 322 -17.82 10.88 -23.61
C ILE B 322 -18.16 10.49 -22.17
N GLU B 323 -17.62 11.21 -21.19
CA GLU B 323 -17.87 10.93 -19.79
C GLU B 323 -19.36 11.05 -19.43
N GLN B 324 -20.01 12.06 -20.01
CA GLN B 324 -21.42 12.26 -19.73
C GLN B 324 -22.25 11.14 -20.32
N ALA B 325 -21.84 10.66 -21.49
CA ALA B 325 -22.56 9.56 -22.17
C ALA B 325 -22.51 8.27 -21.32
N ILE B 326 -21.35 8.03 -20.69
CA ILE B 326 -21.18 6.89 -19.81
C ILE B 326 -22.05 7.05 -18.55
N ASN B 327 -22.04 8.24 -17.94
CA ASN B 327 -22.95 8.50 -16.83
C ASN B 327 -24.41 8.24 -17.22
N ARG B 328 -24.77 8.66 -18.44
CA ARG B 328 -26.13 8.50 -18.92
C ARG B 328 -26.46 7.04 -19.08
N ALA B 329 -25.54 6.28 -19.66
CA ALA B 329 -25.78 4.86 -19.91
C ALA B 329 -25.98 4.12 -18.58
N LEU B 330 -25.11 4.41 -17.60
CA LEU B 330 -25.20 3.84 -16.27
C LEU B 330 -26.51 4.19 -15.57
N GLU B 331 -26.98 5.43 -15.76
CA GLU B 331 -28.22 5.87 -15.15
C GLU B 331 -29.43 5.17 -15.73
N GLU B 332 -29.33 4.76 -16.98
CA GLU B 332 -30.41 4.05 -17.66
C GLU B 332 -30.37 2.54 -17.36
N GLY B 333 -29.44 2.13 -16.50
CA GLY B 333 -29.33 0.74 -16.07
C GLY B 333 -28.49 -0.11 -17.01
N VAL B 334 -27.77 0.51 -17.93
CA VAL B 334 -26.91 -0.23 -18.86
C VAL B 334 -25.63 -0.72 -18.18
N ARG B 335 -25.34 -2.00 -18.32
CA ARG B 335 -24.24 -2.66 -17.62
C ARG B 335 -23.58 -3.69 -18.55
N THR B 336 -22.26 -3.88 -18.46
CA THR B 336 -21.63 -5.08 -19.04
C THR B 336 -21.58 -6.21 -18.01
N GLY B 337 -21.11 -7.39 -18.41
CA GLY B 337 -21.24 -8.60 -17.59
C GLY B 337 -20.37 -8.64 -16.35
N ASP B 338 -19.39 -7.75 -16.28
CA ASP B 338 -18.64 -7.48 -15.05
C ASP B 338 -19.45 -6.64 -14.05
N LEU B 339 -20.55 -6.04 -14.49
CA LEU B 339 -21.31 -5.15 -13.62
C LEU B 339 -22.71 -5.68 -13.38
N ALA B 340 -23.05 -6.79 -14.03
CA ALA B 340 -24.36 -7.41 -13.91
C ALA B 340 -24.35 -8.78 -14.60
N ARG B 341 -25.42 -9.52 -14.41
CA ARG B 341 -25.50 -10.87 -14.98
C ARG B 341 -26.71 -11.09 -15.86
N GLY B 342 -26.51 -12.04 -16.74
CA GLY B 342 -27.54 -12.49 -17.68
C GLY B 342 -28.05 -11.36 -18.55
N ALA B 343 -29.37 -11.30 -18.69
CA ALA B 343 -30.00 -10.29 -19.53
C ALA B 343 -29.94 -8.88 -18.94
N ALA B 344 -29.47 -8.72 -17.71
CA ALA B 344 -29.25 -7.39 -17.15
C ALA B 344 -27.95 -6.76 -17.67
N ALA B 345 -27.12 -7.58 -18.33
CA ALA B 345 -25.91 -7.06 -18.97
C ALA B 345 -26.04 -7.02 -20.48
N VAL B 346 -25.22 -6.18 -21.11
CA VAL B 346 -25.13 -6.10 -22.56
C VAL B 346 -23.71 -6.48 -22.98
N SER B 347 -23.53 -6.82 -24.25
CA SER B 347 -22.20 -7.18 -24.77
C SER B 347 -21.30 -5.96 -24.99
N THR B 348 -20.01 -6.22 -25.18
CA THR B 348 -19.07 -5.17 -25.55
C THR B 348 -19.57 -4.27 -26.70
N ASP B 349 -20.01 -4.86 -27.80
CA ASP B 349 -20.37 -4.04 -28.95
C ASP B 349 -21.70 -3.30 -28.78
N GLU B 350 -22.59 -3.83 -27.95
CA GLU B 350 -23.79 -3.11 -27.60
C GLU B 350 -23.53 -1.95 -26.62
N MET B 351 -22.67 -2.13 -25.63
CA MET B 351 -22.26 -1.01 -24.77
C MET B 351 -21.68 0.14 -25.61
N GLY B 352 -20.78 -0.22 -26.52
CA GLY B 352 -20.19 0.76 -27.43
C GLY B 352 -21.23 1.47 -28.29
N ASP B 353 -22.19 0.72 -28.81
CA ASP B 353 -23.32 1.28 -29.55
C ASP B 353 -24.03 2.33 -28.70
N ILE B 354 -24.38 1.95 -27.49
CA ILE B 354 -25.11 2.84 -26.60
C ILE B 354 -24.33 4.09 -26.25
N ILE B 355 -23.03 3.94 -25.96
CA ILE B 355 -22.21 5.12 -25.61
C ILE B 355 -22.06 6.08 -26.80
N ALA B 356 -21.73 5.53 -27.97
CA ALA B 356 -21.54 6.33 -29.18
C ALA B 356 -22.82 7.10 -29.52
N ARG B 357 -23.98 6.47 -29.37
CA ARG B 357 -25.24 7.15 -29.69
C ARG B 357 -25.55 8.27 -28.69
N TYR B 358 -25.34 8.02 -27.40
CA TYR B 358 -25.50 9.08 -26.42
C TYR B 358 -24.57 10.28 -26.68
N VAL B 359 -23.35 10.04 -27.16
CA VAL B 359 -22.48 11.14 -27.59
C VAL B 359 -23.03 11.86 -28.84
N ALA B 360 -23.45 11.07 -29.84
CA ALA B 360 -24.00 11.62 -31.07
C ALA B 360 -25.27 12.42 -30.81
N GLU B 361 -26.07 11.98 -29.85
CA GLU B 361 -27.33 12.64 -29.51
C GLU B 361 -27.13 13.81 -28.54
N GLY B 362 -25.99 13.83 -27.86
CA GLY B 362 -25.72 14.90 -26.93
C GLY B 362 -25.71 16.22 -27.68
N VAL B 363 -25.17 16.17 -28.91
CA VAL B 363 -25.34 17.21 -29.92
C VAL B 363 -25.14 16.57 -31.29
#